data_2QZA
#
_entry.id   2QZA
#
_cell.length_a   102.732
_cell.length_b   68.536
_cell.length_c   106.613
_cell.angle_alpha   90.00
_cell.angle_beta   90.90
_cell.angle_gamma   90.00
#
_symmetry.space_group_name_H-M   'P 1 21 1'
#
loop_
_entity.id
_entity.type
_entity.pdbx_description
1 polymer 'Secreted effector protein'
2 water water
#
_entity_poly.entity_id   1
_entity_poly.type   'polypeptide(L)'
_entity_poly.pdbx_seq_one_letter_code
;SSPSSPADWAKKLTDAVLRQKAGETLTAADRDFSNADFRNITFSKILPPSF(MSE)ERDGDIIKGFNFSNSKFTYSDISH
LHFDECRFTYSTLSDVVCSNTKFSNSD(MSE)NEVFLQYSITTQQQPSFIDTTLKNTLIRHKANLSGVILNEPDNSSPPS
VSGGGNFIRLGDIWLQ(MSE)PLLWTENAVDGFLNHEHNNGKSIL(MSE)TIDSLPDKYSQEKVQA(MSE)EDLVKSLRG
GRLTEACIRPVESSLVSVLAHPPYTQSALISEWLGPVQERFFAHQCQTYNDVPLPAPDTYYQQRILPVLLDSFDRNSAA
(MSE)TTHSGLFNQVILHC(MSE)TGVDCTDGTRQKAAALYEQYLAHPAVSPHIHNGLFGNYDGSPDWTTRAADNFLLLS
SQDSDTA(MSE)(MSE)LSTDTLLT(MSE)LNPTPDTAWDNFYLLRAGENVSTAQISPVELFRHDFPVFLAAFNQQATQR
RFGELIDIILSTEEHGELNQQFLAATNQKHSTVKLIDDASVSRLATIFDPLLPEGKLSPAHYQHILSAYHLTDATPQKQA
ETLFCLSTAFARYSSSAIFGTEHDSPPALRGYAEAL(MSE)QKAWELSPAIFPSSEQFTEWSDRFHGLHGAFTCTSVVAD
S(MSE)QRHARKYFPSVLSSILPLAWA
;
_entity_poly.pdbx_strand_id   A,B
#
# COMPACT_ATOMS: atom_id res chain seq x y z
N SER A 2 39.91 0.88 -54.71
CA SER A 2 41.22 1.55 -54.43
C SER A 2 41.02 2.96 -53.85
N PRO A 3 42.02 3.45 -53.07
CA PRO A 3 43.33 2.83 -52.82
C PRO A 3 43.29 1.64 -51.86
N SER A 4 42.98 1.89 -50.57
CA SER A 4 43.05 0.85 -49.56
C SER A 4 42.30 1.16 -48.25
N SER A 5 42.30 0.18 -47.36
CA SER A 5 41.53 0.20 -46.12
C SER A 5 42.13 1.12 -45.06
N PRO A 6 41.41 1.31 -43.93
CA PRO A 6 41.93 1.96 -42.73
C PRO A 6 43.21 1.34 -42.19
N ALA A 7 43.37 0.02 -42.38
CA ALA A 7 44.60 -0.68 -42.02
C ALA A 7 45.82 0.03 -42.61
N ASP A 8 45.63 0.62 -43.79
CA ASP A 8 46.61 1.53 -44.38
C ASP A 8 46.79 2.78 -43.52
N TRP A 9 45.72 3.55 -43.37
CA TRP A 9 45.78 4.85 -42.67
C TRP A 9 46.22 4.71 -41.23
N ALA A 10 45.85 3.61 -40.59
CA ALA A 10 46.26 3.35 -39.22
C ALA A 10 47.79 3.33 -39.12
N LYS A 11 48.42 2.51 -39.96
CA LYS A 11 49.88 2.44 -40.03
C LYS A 11 50.47 3.80 -40.38
N LYS A 12 49.84 4.49 -41.35
CA LYS A 12 50.28 5.82 -41.77
C LYS A 12 50.29 6.79 -40.58
N LEU A 13 49.20 6.80 -39.83
CA LEU A 13 49.08 7.65 -38.65
C LEU A 13 50.11 7.28 -37.60
N THR A 14 50.20 5.99 -37.29
CA THR A 14 51.15 5.47 -36.30
C THR A 14 52.51 6.13 -36.40
N ASP A 15 53.15 6.00 -37.56
CA ASP A 15 54.47 6.55 -37.81
C ASP A 15 54.45 8.06 -37.67
N ALA A 16 53.51 8.69 -38.36
CA ALA A 16 53.38 10.13 -38.31
C ALA A 16 53.50 10.67 -36.88
N VAL A 17 52.81 10.04 -35.92
CA VAL A 17 52.93 10.44 -34.51
C VAL A 17 54.12 9.81 -33.79
N LEU A 18 54.44 8.57 -34.17
CA LEU A 18 55.63 7.90 -33.65
C LEU A 18 56.88 8.73 -33.99
N ARG A 19 56.80 9.46 -35.10
CA ARG A 19 57.88 10.33 -35.55
C ARG A 19 57.68 11.71 -34.97
N GLN A 20 56.42 12.13 -34.88
CA GLN A 20 56.06 13.41 -34.29
C GLN A 20 56.55 13.49 -32.87
N LYS A 21 56.48 12.36 -32.16
CA LYS A 21 56.89 12.30 -30.77
C LYS A 21 58.39 12.06 -30.65
N ALA A 22 58.98 11.51 -31.70
CA ALA A 22 60.42 11.33 -31.76
C ALA A 22 61.14 12.66 -32.02
N GLY A 23 60.37 13.75 -32.13
CA GLY A 23 60.93 15.09 -32.25
C GLY A 23 60.63 15.75 -33.58
N GLU A 24 60.80 15.00 -34.66
CA GLU A 24 60.56 15.48 -36.02
C GLU A 24 59.34 16.37 -36.09
N THR A 25 59.54 17.62 -36.52
CA THR A 25 58.43 18.51 -36.77
C THR A 25 57.91 18.20 -38.17
N LEU A 26 56.85 17.40 -38.21
CA LEU A 26 56.26 16.93 -39.45
C LEU A 26 55.93 18.07 -40.40
N THR A 27 56.23 17.85 -41.67
CA THR A 27 55.79 18.74 -42.73
C THR A 27 54.26 18.78 -42.68
N ALA A 28 53.67 19.84 -43.20
CA ALA A 28 52.22 19.91 -43.26
C ALA A 28 51.67 18.78 -44.13
N ALA A 29 52.26 18.62 -45.31
CA ALA A 29 51.88 17.55 -46.24
C ALA A 29 51.92 16.16 -45.59
N ASP A 30 52.94 15.91 -44.77
CA ASP A 30 53.06 14.65 -44.04
C ASP A 30 51.90 14.39 -43.08
N ARG A 31 51.34 15.45 -42.50
CA ARG A 31 50.25 15.30 -41.54
C ARG A 31 48.89 15.77 -42.07
N ASP A 32 48.70 15.63 -43.39
CA ASP A 32 47.41 15.88 -44.01
C ASP A 32 46.71 14.56 -44.29
N PHE A 33 45.70 14.25 -43.48
CA PHE A 33 44.95 12.99 -43.56
C PHE A 33 43.51 13.23 -43.99
N SER A 34 43.31 14.05 -45.02
CA SER A 34 41.98 14.32 -45.54
C SER A 34 41.39 13.07 -46.16
N ASN A 35 40.11 12.84 -45.88
CA ASN A 35 39.39 11.67 -46.40
C ASN A 35 39.90 10.33 -45.87
N ALA A 36 40.49 10.36 -44.67
CA ALA A 36 41.03 9.17 -44.06
C ALA A 36 39.92 8.23 -43.59
N ASP A 37 39.94 7.01 -44.12
CA ASP A 37 39.04 5.95 -43.67
C ASP A 37 39.58 5.35 -42.38
N PHE A 38 38.78 5.37 -41.32
CA PHE A 38 39.21 4.82 -40.04
C PHE A 38 38.25 3.81 -39.45
N ARG A 39 37.18 3.51 -40.18
CA ARG A 39 36.09 2.70 -39.63
C ARG A 39 36.61 1.44 -38.96
N ASN A 40 36.07 1.16 -37.76
CA ASN A 40 36.40 -0.05 -36.99
C ASN A 40 37.85 -0.12 -36.51
N ILE A 41 38.59 0.96 -36.67
CA ILE A 41 39.95 1.02 -36.19
C ILE A 41 39.93 1.18 -34.68
N THR A 42 40.55 0.22 -34.01
CA THR A 42 40.72 0.28 -32.58
C THR A 42 42.11 0.83 -32.27
N PHE A 43 42.21 2.16 -32.20
CA PHE A 43 43.47 2.86 -31.98
C PHE A 43 44.21 2.35 -30.74
N SER A 44 43.45 1.85 -29.78
CA SER A 44 44.00 1.24 -28.58
C SER A 44 44.98 0.11 -28.92
N LYS A 45 44.72 -0.59 -30.02
CA LYS A 45 45.52 -1.74 -30.43
C LYS A 45 46.70 -1.36 -31.33
N ILE A 46 46.67 -0.15 -31.90
CA ILE A 46 47.74 0.26 -32.83
C ILE A 46 48.41 1.60 -32.51
N LEU A 47 48.54 1.91 -31.22
CA LEU A 47 49.31 3.06 -30.76
C LEU A 47 49.95 2.75 -29.41
N PRO A 48 51.09 3.38 -29.10
CA PRO A 48 51.69 3.14 -27.78
C PRO A 48 50.88 3.76 -26.64
N PRO A 49 50.81 3.07 -25.48
CA PRO A 49 49.97 3.40 -24.34
C PRO A 49 50.07 4.85 -23.87
N SER A 50 51.20 5.50 -24.15
CA SER A 50 51.40 6.91 -23.80
C SER A 50 50.31 7.81 -24.39
N PHE A 51 49.68 7.35 -25.46
CA PHE A 51 48.65 8.11 -26.16
C PHE A 51 47.27 8.01 -25.51
N GLU A 53 46.87 7.73 -21.80
CA GLU A 53 47.09 7.81 -20.36
C GLU A 53 47.06 9.27 -19.89
N ARG A 54 46.85 9.45 -18.59
CA ARG A 54 46.69 10.79 -17.98
C ARG A 54 47.75 11.80 -18.45
N ASP A 55 49.00 11.60 -18.04
CA ASP A 55 50.12 12.45 -18.46
C ASP A 55 49.99 12.88 -19.92
N GLY A 56 50.01 11.89 -20.82
CA GLY A 56 49.48 12.07 -22.16
C GLY A 56 50.46 12.38 -23.26
N ASP A 57 50.52 11.49 -24.25
CA ASP A 57 51.05 11.82 -25.57
C ASP A 57 49.88 12.28 -26.42
N ILE A 58 50.08 13.38 -27.13
CA ILE A 58 49.00 14.05 -27.85
C ILE A 58 49.05 13.70 -29.35
N ILE A 59 47.96 13.97 -30.06
CA ILE A 59 47.96 13.89 -31.52
C ILE A 59 47.82 15.32 -32.10
N LYS A 60 48.97 15.98 -32.32
CA LYS A 60 49.00 17.39 -32.68
C LYS A 60 49.11 17.65 -34.19
N GLY A 61 48.40 18.67 -34.67
CA GLY A 61 48.63 19.25 -35.99
C GLY A 61 48.09 18.52 -37.19
N PHE A 62 47.25 17.51 -36.96
CA PHE A 62 46.74 16.67 -38.05
C PHE A 62 45.46 17.20 -38.67
N ASN A 63 45.28 16.92 -39.96
CA ASN A 63 44.13 17.40 -40.71
C ASN A 63 43.25 16.28 -41.24
N PHE A 64 42.22 15.92 -40.48
CA PHE A 64 41.29 14.88 -40.87
C PHE A 64 40.04 15.47 -41.49
N SER A 65 40.19 16.60 -42.17
CA SER A 65 39.07 17.25 -42.82
C SER A 65 38.34 16.27 -43.73
N ASN A 66 37.02 16.18 -43.55
CA ASN A 66 36.19 15.26 -44.32
C ASN A 66 36.79 13.85 -44.35
N SER A 67 36.68 13.14 -43.23
CA SER A 67 37.18 11.77 -43.14
C SER A 67 36.11 10.89 -42.53
N LYS A 68 36.37 9.60 -42.44
CA LYS A 68 35.39 8.67 -41.89
C LYS A 68 35.91 7.86 -40.71
N PHE A 69 35.46 8.22 -39.52
CA PHE A 69 35.48 7.33 -38.37
C PHE A 69 34.05 6.90 -38.18
N THR A 70 33.82 5.59 -38.09
CA THR A 70 32.48 5.07 -37.85
C THR A 70 32.65 3.67 -37.30
N TYR A 71 32.28 3.49 -36.04
CA TYR A 71 32.58 2.26 -35.29
C TYR A 71 34.07 2.25 -34.92
N SER A 72 34.70 3.40 -35.10
CA SER A 72 36.07 3.63 -34.67
C SER A 72 36.09 3.80 -33.16
N ASP A 73 37.28 3.74 -32.58
CA ASP A 73 37.44 3.87 -31.12
C ASP A 73 38.63 4.75 -30.78
N ILE A 74 38.38 6.03 -30.53
CA ILE A 74 39.43 6.96 -30.12
C ILE A 74 39.32 7.30 -28.62
N SER A 75 38.87 6.32 -27.84
CA SER A 75 38.74 6.50 -26.40
C SER A 75 40.08 6.82 -25.75
N HIS A 76 40.08 7.87 -24.93
CA HIS A 76 41.24 8.27 -24.10
C HIS A 76 42.33 9.03 -24.82
N LEU A 77 42.29 8.99 -26.16
CA LEU A 77 43.18 9.78 -26.98
C LEU A 77 42.93 11.26 -26.74
N HIS A 78 43.89 12.08 -27.12
CA HIS A 78 43.79 13.53 -26.97
C HIS A 78 44.25 14.22 -28.25
N PHE A 79 43.31 14.80 -29.00
CA PHE A 79 43.62 15.55 -30.23
C PHE A 79 43.86 17.06 -29.98
N ASP A 80 44.95 17.58 -30.51
CA ASP A 80 45.25 19.01 -30.38
C ASP A 80 45.50 19.68 -31.74
N GLU A 81 44.99 20.90 -31.88
CA GLU A 81 45.19 21.69 -33.10
C GLU A 81 44.87 20.81 -34.31
N CYS A 82 43.61 20.34 -34.37
CA CYS A 82 43.18 19.43 -35.44
C CYS A 82 41.95 19.93 -36.17
N ARG A 83 41.87 19.60 -37.44
CA ARG A 83 40.73 19.96 -38.25
C ARG A 83 39.97 18.71 -38.68
N PHE A 84 38.71 18.62 -38.23
CA PHE A 84 37.84 17.52 -38.63
C PHE A 84 36.74 17.98 -39.59
N THR A 85 36.67 19.30 -39.82
CA THR A 85 35.55 19.89 -40.56
C THR A 85 35.08 19.02 -41.71
N TYR A 86 33.77 18.74 -41.72
CA TYR A 86 33.08 17.96 -42.76
C TYR A 86 33.22 16.45 -42.57
N SER A 87 33.85 16.06 -41.48
CA SER A 87 34.03 14.65 -41.19
C SER A 87 32.85 14.09 -40.42
N THR A 88 32.61 12.79 -40.57
CA THR A 88 31.61 12.11 -39.76
C THR A 88 32.30 11.40 -38.60
N LEU A 89 31.64 11.40 -37.45
CA LEU A 89 32.14 10.68 -36.28
C LEU A 89 31.02 9.86 -35.66
N SER A 90 29.92 9.71 -36.39
CA SER A 90 28.78 8.95 -35.91
C SER A 90 29.18 7.53 -35.54
N ASP A 91 28.64 7.06 -34.42
CA ASP A 91 28.92 5.72 -33.88
C ASP A 91 30.40 5.50 -33.58
N VAL A 92 31.02 6.54 -33.05
CA VAL A 92 32.40 6.49 -32.61
C VAL A 92 32.44 6.34 -31.10
N VAL A 93 33.18 5.36 -30.61
CA VAL A 93 33.33 5.21 -29.17
C VAL A 93 34.53 6.03 -28.71
N CYS A 94 34.22 7.15 -28.06
CA CYS A 94 35.20 8.16 -27.72
C CYS A 94 35.28 8.37 -26.20
N SER A 95 35.26 7.27 -25.45
CA SER A 95 35.33 7.32 -23.99
C SER A 95 36.43 8.25 -23.48
N ASN A 96 36.02 9.36 -22.88
CA ASN A 96 36.94 10.37 -22.32
C ASN A 96 37.89 11.03 -23.33
N THR A 97 37.54 11.03 -24.61
CA THR A 97 38.38 11.65 -25.62
C THR A 97 38.42 13.17 -25.41
N LYS A 98 39.58 13.76 -25.70
CA LYS A 98 39.82 15.19 -25.49
C LYS A 98 40.20 15.89 -26.79
N PHE A 99 39.33 16.81 -27.23
CA PHE A 99 39.64 17.64 -28.39
C PHE A 99 39.92 19.07 -27.93
N SER A 100 41.11 19.58 -28.27
CA SER A 100 41.52 20.91 -27.87
C SER A 100 42.08 21.72 -29.04
N ASN A 101 41.78 23.02 -29.03
CA ASN A 101 42.30 23.96 -30.03
C ASN A 101 42.03 23.49 -31.45
N SER A 102 40.92 22.78 -31.63
CA SER A 102 40.61 22.12 -32.89
C SER A 102 39.38 22.69 -33.58
N ASP A 103 39.25 22.36 -34.86
CA ASP A 103 38.14 22.84 -35.67
C ASP A 103 37.30 21.64 -36.07
N ASN A 105 34.00 21.50 -37.09
CA ASN A 105 32.80 22.14 -37.60
C ASN A 105 32.19 21.31 -38.72
N GLU A 106 30.89 21.46 -38.94
CA GLU A 106 30.15 20.63 -39.91
C GLU A 106 30.47 19.13 -39.78
N VAL A 107 30.69 18.64 -38.56
CA VAL A 107 30.88 17.20 -38.32
C VAL A 107 29.62 16.52 -37.76
N PHE A 108 29.49 15.23 -38.01
CA PHE A 108 28.41 14.45 -37.43
C PHE A 108 28.92 13.70 -36.21
N LEU A 109 28.80 14.36 -35.07
CA LEU A 109 29.37 13.86 -33.82
C LEU A 109 28.31 13.25 -32.93
N GLN A 110 27.65 12.22 -33.45
CA GLN A 110 26.64 11.50 -32.69
C GLN A 110 27.23 10.16 -32.27
N TYR A 111 28.12 10.19 -31.28
CA TYR A 111 28.99 9.06 -31.00
C TYR A 111 28.22 7.88 -30.43
N SER A 112 28.83 6.71 -30.51
CA SER A 112 28.22 5.47 -30.02
C SER A 112 27.81 5.59 -28.57
N ILE A 113 26.63 5.06 -28.25
CA ILE A 113 26.10 5.05 -26.89
C ILE A 113 27.02 4.25 -25.98
N THR A 114 27.79 3.34 -26.60
CA THR A 114 28.72 2.48 -25.88
C THR A 114 29.81 3.27 -25.16
N THR A 115 29.90 4.55 -25.49
CA THR A 115 30.86 5.46 -24.88
C THR A 115 30.66 5.54 -23.37
N GLN A 116 31.75 5.46 -22.63
CA GLN A 116 31.67 5.52 -21.18
C GLN A 116 31.81 6.95 -20.65
N GLN A 117 33.04 7.37 -20.39
CA GLN A 117 33.29 8.63 -19.69
C GLN A 117 32.44 9.79 -20.21
N GLN A 118 32.84 10.34 -21.36
CA GLN A 118 32.22 11.52 -21.95
C GLN A 118 33.32 12.36 -22.61
N PRO A 119 33.17 12.66 -23.92
CA PRO A 119 34.19 13.44 -24.63
C PRO A 119 34.17 14.88 -24.17
N SER A 120 35.32 15.55 -24.20
CA SER A 120 35.40 16.94 -23.78
C SER A 120 36.06 17.80 -24.84
N PHE A 121 35.66 19.08 -24.88
CA PHE A 121 36.06 19.98 -25.94
C PHE A 121 36.55 21.24 -25.31
N ILE A 122 37.86 21.46 -25.45
CA ILE A 122 38.50 22.62 -24.87
C ILE A 122 39.01 23.49 -26.00
N ASP A 123 38.61 24.76 -25.98
CA ASP A 123 38.97 25.73 -27.00
C ASP A 123 38.83 25.14 -28.41
N THR A 124 37.72 24.45 -28.62
CA THR A 124 37.37 23.87 -29.91
C THR A 124 35.99 24.36 -30.36
N THR A 125 35.83 24.53 -31.66
CA THR A 125 34.57 24.96 -32.26
C THR A 125 33.77 23.77 -32.78
N LEU A 126 32.45 23.82 -32.55
CA LEU A 126 31.54 22.80 -33.03
C LEU A 126 30.40 23.52 -33.75
N LYS A 127 30.74 24.23 -34.82
CA LYS A 127 29.77 25.04 -35.54
C LYS A 127 28.93 24.18 -36.47
N ASN A 128 27.61 24.28 -36.31
CA ASN A 128 26.62 23.52 -37.09
C ASN A 128 26.81 22.00 -37.05
N THR A 129 27.43 21.51 -35.97
CA THR A 129 27.69 20.09 -35.83
C THR A 129 26.67 19.41 -34.92
N LEU A 130 26.27 18.20 -35.31
CA LEU A 130 25.34 17.40 -34.53
C LEU A 130 26.10 16.56 -33.52
N ILE A 131 25.95 16.91 -32.24
CA ILE A 131 26.55 16.12 -31.16
C ILE A 131 25.48 15.42 -30.34
N ARG A 132 25.87 14.35 -29.66
CA ARG A 132 25.04 13.80 -28.61
C ARG A 132 24.94 14.83 -27.51
N HIS A 133 23.88 14.77 -26.74
CA HIS A 133 23.60 15.77 -25.75
C HIS A 133 24.33 15.50 -24.45
N LYS A 134 25.52 14.92 -24.55
CA LYS A 134 26.35 14.70 -23.38
C LYS A 134 27.83 14.80 -23.70
N ALA A 135 28.27 16.02 -23.99
CA ALA A 135 29.68 16.32 -24.07
C ALA A 135 30.02 17.27 -22.95
N ASN A 136 31.29 17.29 -22.56
CA ASN A 136 31.78 18.25 -21.58
C ASN A 136 32.20 19.47 -22.38
N LEU A 137 31.42 20.53 -22.28
CA LEU A 137 31.64 21.68 -23.13
C LEU A 137 32.17 22.89 -22.35
N SER A 138 32.76 22.62 -21.19
CA SER A 138 33.23 23.70 -20.31
C SER A 138 34.32 24.56 -20.96
N GLY A 139 34.82 24.12 -22.10
CA GLY A 139 35.84 24.87 -22.83
C GLY A 139 35.50 25.03 -24.29
N VAL A 140 34.21 25.13 -24.60
CA VAL A 140 33.78 25.20 -25.98
C VAL A 140 33.65 26.64 -26.45
N ILE A 141 33.92 26.87 -27.73
CA ILE A 141 33.81 28.19 -28.32
C ILE A 141 32.49 28.33 -29.09
N LEU A 142 31.70 29.31 -28.69
CA LEU A 142 30.42 29.59 -29.33
C LEU A 142 30.50 30.85 -30.19
N ASN A 143 29.97 30.76 -31.40
CA ASN A 143 29.85 31.91 -32.28
C ASN A 143 28.45 32.01 -32.84
N GLU A 144 27.91 33.24 -32.89
CA GLU A 144 26.58 33.51 -33.42
C GLU A 144 26.19 32.55 -34.55
N PRO A 145 24.97 31.98 -34.47
CA PRO A 145 24.55 30.99 -35.46
C PRO A 145 24.18 31.63 -36.78
N ASP A 146 24.16 30.82 -37.84
CA ASP A 146 23.72 31.28 -39.15
C ASP A 146 22.24 30.93 -39.34
N ASN A 147 21.94 30.20 -40.41
CA ASN A 147 20.60 29.65 -40.64
C ASN A 147 20.69 28.20 -41.08
N SER A 148 21.16 27.99 -42.31
CA SER A 148 21.45 26.65 -42.86
C SER A 148 20.30 25.65 -42.71
N SER A 149 20.65 24.38 -42.66
CA SER A 149 19.68 23.31 -42.49
C SER A 149 20.09 22.38 -41.36
N PRO A 150 19.25 22.28 -40.32
CA PRO A 150 19.32 21.19 -39.36
C PRO A 150 19.53 19.88 -40.14
N PRO A 151 20.62 19.13 -39.83
CA PRO A 151 21.17 18.12 -40.71
C PRO A 151 20.22 17.65 -41.85
N SER A 152 19.31 16.69 -41.63
CA SER A 152 19.39 15.68 -40.59
C SER A 152 19.71 14.35 -41.28
N VAL A 153 19.05 13.26 -40.84
CA VAL A 153 19.17 11.95 -41.50
C VAL A 153 17.97 11.04 -41.16
N SER A 154 18.23 9.79 -40.79
CA SER A 154 17.19 8.88 -40.31
C SER A 154 17.31 8.67 -38.80
N GLY A 155 16.67 9.57 -38.06
CA GLY A 155 16.64 9.52 -36.60
C GLY A 155 15.24 9.83 -36.12
N GLY A 156 15.10 10.93 -35.40
CA GLY A 156 13.83 11.34 -34.85
C GLY A 156 13.56 12.82 -34.94
N GLY A 157 13.38 13.45 -33.77
CA GLY A 157 12.75 14.75 -33.66
C GLY A 157 13.53 15.96 -34.12
N ASN A 158 12.91 17.13 -33.94
CA ASN A 158 13.48 18.40 -34.35
C ASN A 158 14.76 18.73 -33.62
N PHE A 159 15.44 19.78 -34.08
CA PHE A 159 16.70 20.19 -33.49
C PHE A 159 16.56 21.52 -32.79
N ILE A 160 17.32 21.69 -31.71
CA ILE A 160 17.50 23.01 -31.11
C ILE A 160 18.97 23.40 -31.12
N ARG A 161 19.23 24.70 -31.05
CA ARG A 161 20.59 25.19 -31.09
C ARG A 161 21.15 25.42 -29.69
N LEU A 162 22.38 24.94 -29.49
CA LEU A 162 23.21 25.41 -28.39
C LEU A 162 24.22 26.36 -29.01
N GLY A 163 23.83 27.63 -29.10
CA GLY A 163 24.61 28.60 -29.87
C GLY A 163 24.65 28.16 -31.31
N ASP A 164 25.82 27.75 -31.78
CA ASP A 164 26.00 27.23 -33.13
C ASP A 164 26.14 25.72 -33.18
N ILE A 165 25.86 25.05 -32.05
CA ILE A 165 25.81 23.58 -32.00
C ILE A 165 24.37 23.11 -32.17
N TRP A 166 24.18 22.09 -33.00
CA TRP A 166 22.88 21.44 -33.15
C TRP A 166 22.76 20.27 -32.16
N LEU A 167 21.61 20.20 -31.48
CA LEU A 167 21.24 19.05 -30.65
C LEU A 167 19.91 18.49 -31.13
N GLN A 168 19.77 17.16 -31.13
CA GLN A 168 18.59 16.50 -31.69
C GLN A 168 17.65 16.07 -30.59
N PRO A 170 14.23 14.05 -29.12
CA PRO A 170 13.66 12.77 -29.47
C PRO A 170 12.45 12.93 -30.39
N LEU A 171 12.03 11.84 -31.04
CA LEU A 171 10.86 11.89 -31.91
C LEU A 171 9.60 11.97 -31.06
N LEU A 172 9.77 11.78 -29.76
CA LEU A 172 8.67 11.48 -28.88
C LEU A 172 9.27 11.09 -27.54
N TRP A 173 8.76 11.71 -26.47
CA TRP A 173 9.33 11.54 -25.14
C TRP A 173 8.88 10.26 -24.42
N THR A 174 9.31 9.11 -24.94
CA THR A 174 9.10 7.84 -24.24
C THR A 174 9.72 7.94 -22.85
N GLU A 175 9.43 6.97 -22.00
CA GLU A 175 10.07 6.88 -20.68
C GLU A 175 11.60 6.77 -20.84
N ASN A 176 12.02 6.11 -21.91
CA ASN A 176 13.43 5.90 -22.19
C ASN A 176 14.08 7.15 -22.70
N ALA A 177 13.33 7.92 -23.48
CA ALA A 177 13.78 9.21 -23.95
C ALA A 177 14.10 10.09 -22.74
N VAL A 178 13.14 10.21 -21.83
CA VAL A 178 13.34 10.98 -20.61
C VAL A 178 14.64 10.59 -19.90
N ASP A 179 14.94 9.29 -19.91
CA ASP A 179 16.03 8.75 -19.11
C ASP A 179 17.39 9.11 -19.69
N GLY A 180 17.58 8.77 -20.96
CA GLY A 180 18.83 9.08 -21.67
C GLY A 180 19.09 10.58 -21.81
N PHE A 181 18.03 11.37 -21.68
CA PHE A 181 18.11 12.80 -21.93
C PHE A 181 18.19 13.62 -20.65
N LEU A 182 17.38 13.27 -19.65
CA LEU A 182 17.23 14.11 -18.47
C LEU A 182 17.85 13.50 -17.22
N ASN A 183 17.79 12.18 -17.11
CA ASN A 183 18.20 11.53 -15.89
C ASN A 183 19.69 11.31 -15.77
N HIS A 184 20.42 12.36 -15.42
CA HIS A 184 21.86 12.23 -15.24
C HIS A 184 22.22 11.46 -13.97
N GLU A 185 21.27 11.39 -13.03
CA GLU A 185 21.46 10.60 -11.79
C GLU A 185 21.52 9.10 -12.07
N HIS A 186 20.85 8.66 -13.13
CA HIS A 186 20.84 7.24 -13.51
C HIS A 186 21.94 6.93 -14.54
N ASN A 187 22.72 7.94 -14.92
CA ASN A 187 23.66 7.79 -16.01
C ASN A 187 25.01 8.46 -15.73
N ASN A 188 25.47 8.33 -14.49
CA ASN A 188 26.73 8.91 -14.04
C ASN A 188 26.91 10.33 -14.57
N GLY A 189 25.98 11.20 -14.18
CA GLY A 189 26.08 12.64 -14.46
C GLY A 189 26.03 13.03 -15.92
N LYS A 190 25.44 12.19 -16.76
CA LYS A 190 25.39 12.48 -18.18
C LYS A 190 23.98 12.69 -18.69
N SER A 191 23.60 13.95 -18.87
CA SER A 191 22.32 14.30 -19.50
C SER A 191 22.42 15.61 -20.26
N ILE A 192 21.48 15.83 -21.19
CA ILE A 192 21.34 17.10 -21.90
C ILE A 192 21.33 18.28 -20.93
N LEU A 193 20.84 18.04 -19.71
CA LEU A 193 20.82 19.06 -18.69
C LEU A 193 22.24 19.45 -18.31
N THR A 195 24.97 18.86 -19.80
CA THR A 195 25.69 19.29 -21.01
C THR A 195 25.62 20.80 -21.24
N ILE A 196 24.41 21.35 -21.43
CA ILE A 196 24.31 22.78 -21.70
C ILE A 196 24.59 23.62 -20.44
N ASP A 197 24.55 22.98 -19.28
CA ASP A 197 24.89 23.68 -18.04
C ASP A 197 26.40 23.78 -17.82
N SER A 198 27.17 23.12 -18.69
CA SER A 198 28.60 22.98 -18.49
C SER A 198 29.37 24.13 -19.13
N LEU A 199 28.73 24.81 -20.07
CA LEU A 199 29.35 25.95 -20.76
C LEU A 199 29.82 26.98 -19.73
N PRO A 200 30.94 27.66 -20.03
CA PRO A 200 31.55 28.66 -19.14
C PRO A 200 30.56 29.71 -18.66
N ASP A 201 30.66 30.07 -17.37
CA ASP A 201 29.71 30.97 -16.72
C ASP A 201 29.85 32.39 -17.27
N LYS A 202 29.45 32.55 -18.53
CA LYS A 202 29.79 33.70 -19.35
C LYS A 202 29.03 33.64 -20.66
N TYR A 203 28.73 32.42 -21.10
CA TYR A 203 27.85 32.18 -22.25
C TYR A 203 26.40 32.08 -21.80
N SER A 204 26.05 32.89 -20.79
CA SER A 204 24.76 32.80 -20.10
C SER A 204 23.60 33.52 -20.79
N GLN A 205 23.35 33.18 -22.05
CA GLN A 205 22.07 33.47 -22.69
C GLN A 205 21.90 32.51 -23.84
N GLU A 206 23.03 32.03 -24.35
CA GLU A 206 23.04 30.92 -25.28
C GLU A 206 22.60 29.65 -24.54
N LYS A 207 22.84 29.61 -23.24
CA LYS A 207 22.45 28.49 -22.39
C LYS A 207 20.98 28.56 -22.03
N VAL A 208 20.62 29.56 -21.23
CA VAL A 208 19.23 29.82 -20.86
C VAL A 208 18.33 29.63 -22.07
N GLN A 209 18.78 30.10 -23.23
CA GLN A 209 18.12 29.83 -24.50
C GLN A 209 17.91 28.34 -24.70
N ALA A 210 19.01 27.61 -24.85
CA ALA A 210 19.00 26.18 -25.15
C ALA A 210 18.12 25.40 -24.19
N GLU A 212 15.46 26.77 -22.38
CA GLU A 212 14.11 27.19 -22.76
C GLU A 212 13.61 26.40 -23.96
N ASP A 213 14.44 26.26 -24.99
CA ASP A 213 14.08 25.49 -26.16
C ASP A 213 13.73 24.04 -25.80
N LEU A 214 14.64 23.36 -25.10
CA LEU A 214 14.37 22.02 -24.59
C LEU A 214 13.03 22.02 -23.84
N VAL A 215 12.99 22.79 -22.75
CA VAL A 215 11.79 22.93 -21.93
C VAL A 215 10.52 22.98 -22.78
N LYS A 216 10.55 23.74 -23.86
CA LYS A 216 9.44 23.76 -24.82
C LYS A 216 9.07 22.37 -25.31
N SER A 217 10.05 21.65 -25.88
CA SER A 217 9.81 20.32 -26.44
C SER A 217 9.28 19.33 -25.40
N LEU A 218 9.42 19.68 -24.12
CA LEU A 218 8.78 18.94 -23.04
C LEU A 218 7.35 19.45 -22.85
N ARG A 219 7.21 20.76 -22.73
CA ARG A 219 5.90 21.41 -22.65
C ARG A 219 5.03 20.96 -23.82
N GLY A 220 5.68 20.69 -24.95
CA GLY A 220 5.02 20.21 -26.17
C GLY A 220 4.75 18.72 -26.12
N GLY A 221 5.58 18.00 -25.37
CA GLY A 221 5.25 16.62 -24.98
C GLY A 221 4.18 16.65 -23.91
N ARG A 222 3.64 15.49 -23.57
CA ARG A 222 2.48 15.45 -22.67
C ARG A 222 2.89 15.15 -21.25
N LEU A 223 3.82 14.23 -21.09
CA LEU A 223 4.54 14.04 -19.83
C LEU A 223 3.60 14.03 -18.63
N THR A 224 2.95 12.90 -18.41
CA THR A 224 2.15 12.68 -17.21
C THR A 224 3.04 12.87 -15.98
N GLU A 225 2.44 13.29 -14.88
CA GLU A 225 3.17 13.48 -13.61
C GLU A 225 3.86 12.20 -13.16
N ALA A 226 4.08 11.29 -14.09
CA ALA A 226 4.70 10.00 -13.79
C ALA A 226 5.91 9.79 -14.66
N CYS A 227 5.88 10.41 -15.85
CA CYS A 227 7.06 10.49 -16.71
C CYS A 227 8.16 11.32 -16.07
N ILE A 228 7.78 12.32 -15.30
CA ILE A 228 8.74 13.26 -14.73
C ILE A 228 9.14 12.89 -13.29
N ARG A 229 8.43 11.94 -12.70
CA ARG A 229 8.73 11.56 -11.32
C ARG A 229 10.16 10.99 -11.14
N PRO A 230 10.60 10.09 -12.06
CA PRO A 230 11.96 9.56 -12.01
C PRO A 230 13.06 10.62 -12.07
N VAL A 231 12.71 11.83 -12.49
CA VAL A 231 13.70 12.88 -12.76
C VAL A 231 13.43 14.20 -12.02
N GLU A 232 12.36 14.25 -11.23
CA GLU A 232 12.09 15.44 -10.41
C GLU A 232 13.42 15.98 -9.88
N SER A 233 14.22 15.10 -9.27
CA SER A 233 15.54 15.48 -8.79
C SER A 233 16.50 15.96 -9.90
N SER A 234 16.78 15.10 -10.87
CA SER A 234 17.70 15.45 -11.97
C SER A 234 17.43 16.85 -12.49
N LEU A 235 16.18 17.08 -12.90
CA LEU A 235 15.72 18.38 -13.39
C LEU A 235 16.02 19.51 -12.43
N VAL A 236 15.58 19.34 -11.18
CA VAL A 236 15.63 20.42 -10.18
C VAL A 236 17.06 20.68 -9.72
N SER A 237 17.94 19.70 -9.96
CA SER A 237 19.35 19.83 -9.65
C SER A 237 20.00 20.92 -10.48
N VAL A 238 19.43 21.19 -11.66
CA VAL A 238 20.07 22.10 -12.62
C VAL A 238 19.32 23.43 -12.80
N LEU A 239 17.98 23.36 -12.87
CA LEU A 239 17.15 24.49 -13.26
C LEU A 239 16.60 25.28 -12.07
N ALA A 240 16.77 24.77 -10.86
CA ALA A 240 16.39 25.51 -9.66
C ALA A 240 17.55 26.39 -9.20
N HIS A 241 18.53 26.58 -10.10
CA HIS A 241 19.67 27.45 -9.85
C HIS A 241 19.77 28.50 -10.94
N PRO A 242 20.34 29.69 -10.60
CA PRO A 242 20.70 30.66 -11.61
C PRO A 242 21.69 30.03 -12.59
N PRO A 243 21.65 30.44 -13.87
CA PRO A 243 20.89 31.56 -14.42
C PRO A 243 19.45 31.21 -14.83
N TYR A 244 19.05 29.96 -14.62
CA TYR A 244 17.76 29.49 -15.12
C TYR A 244 16.58 29.94 -14.28
N THR A 245 16.86 30.32 -13.03
CA THR A 245 15.84 30.82 -12.11
C THR A 245 15.20 32.10 -12.61
N GLN A 246 15.79 32.64 -13.67
CA GLN A 246 15.43 33.94 -14.20
C GLN A 246 14.93 33.88 -15.64
N SER A 247 14.48 32.70 -16.07
CA SER A 247 13.67 32.61 -17.27
C SER A 247 12.29 33.14 -16.95
N ALA A 248 11.30 32.63 -17.65
CA ALA A 248 9.93 32.86 -17.26
C ALA A 248 9.27 31.54 -17.50
N LEU A 249 9.47 31.01 -18.71
CA LEU A 249 9.19 29.64 -19.06
C LEU A 249 9.80 28.73 -18.01
N ILE A 250 11.12 28.53 -18.10
CA ILE A 250 11.82 27.59 -17.24
C ILE A 250 11.36 27.76 -15.80
N SER A 251 11.33 29.00 -15.33
CA SER A 251 10.82 29.34 -14.01
C SER A 251 9.37 28.83 -13.76
N GLU A 252 8.48 29.05 -14.73
CA GLU A 252 7.06 28.68 -14.63
C GLU A 252 6.85 27.19 -14.80
N TRP A 253 7.55 26.59 -15.75
CA TRP A 253 7.41 25.16 -16.00
C TRP A 253 7.98 24.38 -14.82
N LEU A 254 9.08 24.87 -14.27
CA LEU A 254 9.72 24.23 -13.14
C LEU A 254 8.78 24.18 -11.94
N GLY A 255 8.14 25.32 -11.65
CA GLY A 255 7.18 25.45 -10.55
C GLY A 255 6.62 24.17 -9.98
N PRO A 256 5.72 23.50 -10.71
CA PRO A 256 5.09 22.27 -10.22
C PRO A 256 6.13 21.19 -9.94
N VAL A 257 7.00 20.93 -10.91
CA VAL A 257 8.06 19.92 -10.77
C VAL A 257 8.79 20.07 -9.45
N GLN A 258 9.25 21.27 -9.13
CA GLN A 258 9.91 21.50 -7.84
C GLN A 258 9.00 21.21 -6.63
N GLU A 259 7.72 21.58 -6.73
CA GLU A 259 6.76 21.33 -5.64
C GLU A 259 6.59 19.84 -5.44
N ARG A 260 6.51 19.12 -6.55
CA ARG A 260 6.40 17.67 -6.55
C ARG A 260 7.66 17.06 -5.94
N PHE A 261 8.82 17.56 -6.38
CA PHE A 261 10.08 17.17 -5.79
C PHE A 261 9.99 17.24 -4.27
N PHE A 262 9.74 18.43 -3.73
CA PHE A 262 9.72 18.66 -2.30
C PHE A 262 8.82 17.66 -1.57
N ALA A 263 7.54 17.64 -1.98
CA ALA A 263 6.54 16.81 -1.34
C ALA A 263 7.04 15.38 -1.24
N HIS A 264 7.46 14.85 -2.39
CA HIS A 264 8.03 13.52 -2.46
C HIS A 264 9.16 13.31 -1.43
N GLN A 265 10.02 14.31 -1.26
CA GLN A 265 11.09 14.24 -0.25
C GLN A 265 10.55 14.21 1.18
N CYS A 266 9.54 15.03 1.48
CA CYS A 266 8.99 15.10 2.83
C CYS A 266 8.39 13.78 3.22
N GLN A 267 7.75 13.10 2.26
CA GLN A 267 7.22 11.76 2.49
C GLN A 267 8.33 10.76 2.77
N THR A 268 9.35 10.77 1.90
CA THR A 268 10.39 9.74 1.86
C THR A 268 11.43 9.86 2.97
N TYR A 269 11.75 11.08 3.37
CA TYR A 269 12.91 11.29 4.22
C TYR A 269 12.62 12.04 5.51
N ASN A 270 11.34 12.22 5.82
CA ASN A 270 10.96 12.89 7.06
C ASN A 270 11.11 11.96 8.26
N ASP A 271 10.77 10.68 8.08
CA ASP A 271 10.90 9.69 9.14
C ASP A 271 12.12 8.77 8.89
N VAL A 272 13.02 9.19 7.99
CA VAL A 272 14.09 8.31 7.49
C VAL A 272 15.38 9.07 7.09
N PRO A 273 16.55 8.52 7.45
CA PRO A 273 17.87 9.16 7.22
C PRO A 273 18.21 9.35 5.74
N LEU A 274 18.60 10.57 5.38
CA LEU A 274 19.16 10.84 4.06
C LEU A 274 20.55 10.27 4.02
N PRO A 275 20.87 9.47 2.97
CA PRO A 275 22.23 9.04 2.75
C PRO A 275 23.13 10.26 2.83
N ALA A 276 24.21 10.16 3.61
CA ALA A 276 25.13 11.27 3.78
C ALA A 276 25.43 11.86 2.41
N PRO A 277 25.08 13.14 2.20
CA PRO A 277 25.12 13.75 0.89
C PRO A 277 26.51 13.80 0.31
N ASP A 278 26.67 13.28 -0.90
CA ASP A 278 27.92 13.38 -1.61
C ASP A 278 28.06 14.79 -2.22
N THR A 279 29.10 14.99 -3.04
CA THR A 279 29.46 16.34 -3.49
C THR A 279 28.46 16.97 -4.46
N TYR A 280 27.75 16.13 -5.21
CA TYR A 280 26.70 16.60 -6.12
C TYR A 280 25.49 17.05 -5.33
N TYR A 281 24.98 16.15 -4.47
CA TYR A 281 23.84 16.45 -3.61
C TYR A 281 24.09 17.74 -2.87
N GLN A 282 25.30 17.89 -2.34
CA GLN A 282 25.67 19.05 -1.55
C GLN A 282 25.65 20.33 -2.36
N GLN A 283 25.87 20.21 -3.66
CA GLN A 283 25.99 21.38 -4.52
C GLN A 283 24.73 21.70 -5.30
N ARG A 284 23.89 20.70 -5.53
CA ARG A 284 22.75 20.88 -6.42
C ARG A 284 21.39 20.54 -5.80
N ILE A 285 21.38 19.77 -4.71
CA ILE A 285 20.10 19.46 -4.08
C ILE A 285 19.83 20.29 -2.82
N LEU A 286 20.79 20.38 -1.92
CA LEU A 286 20.59 21.11 -0.68
C LEU A 286 20.07 22.54 -0.89
N PRO A 287 20.71 23.32 -1.80
CA PRO A 287 20.16 24.63 -2.11
C PRO A 287 18.65 24.57 -2.39
N VAL A 288 18.23 23.64 -3.23
CA VAL A 288 16.81 23.52 -3.61
C VAL A 288 15.87 23.21 -2.43
N LEU A 289 16.30 22.32 -1.55
CA LEU A 289 15.50 22.04 -0.36
C LEU A 289 15.39 23.29 0.51
N LEU A 290 16.49 24.04 0.60
CA LEU A 290 16.45 25.32 1.31
C LEU A 290 15.42 26.23 0.68
N ASP A 291 15.52 26.44 -0.63
CA ASP A 291 14.56 27.27 -1.35
C ASP A 291 13.12 26.87 -1.03
N SER A 292 12.83 25.58 -1.13
CA SER A 292 11.49 25.05 -0.84
C SER A 292 11.05 25.29 0.61
N PHE A 293 11.93 25.02 1.57
CA PHE A 293 11.66 25.36 2.97
C PHE A 293 11.47 26.86 3.15
N ASP A 294 12.28 27.65 2.44
CA ASP A 294 12.16 29.09 2.50
C ASP A 294 10.76 29.54 2.06
N ARG A 295 10.33 29.04 0.90
CA ARG A 295 9.04 29.41 0.33
C ARG A 295 7.87 28.72 1.02
N ASN A 296 8.15 27.88 2.01
CA ASN A 296 7.11 27.14 2.72
C ASN A 296 7.37 27.02 4.22
N SER A 297 7.46 28.16 4.91
CA SER A 297 7.93 28.17 6.30
C SER A 297 7.21 27.18 7.22
N ALA A 298 5.97 26.85 6.86
CA ALA A 298 5.18 25.87 7.58
C ALA A 298 5.89 24.51 7.67
N ALA A 299 6.52 24.11 6.57
CA ALA A 299 7.18 22.81 6.44
C ALA A 299 8.33 22.62 7.44
N THR A 301 8.45 23.08 10.34
CA THR A 301 7.96 22.55 11.60
C THR A 301 7.21 21.24 11.38
N THR A 302 6.37 21.21 10.36
CA THR A 302 5.54 20.04 10.16
C THR A 302 6.28 18.98 9.32
N HIS A 303 7.56 19.24 9.08
CA HIS A 303 8.48 18.25 8.52
C HIS A 303 9.83 18.49 9.18
N SER A 304 9.77 18.74 10.49
CA SER A 304 10.94 18.88 11.35
C SER A 304 12.01 17.83 11.05
N GLY A 305 11.58 16.58 10.92
CA GLY A 305 12.44 15.49 10.47
C GLY A 305 13.30 15.89 9.29
N LEU A 306 12.69 16.14 8.14
CA LEU A 306 13.47 16.47 6.93
C LEU A 306 14.27 17.73 7.10
N PHE A 307 13.67 18.73 7.73
CA PHE A 307 14.30 20.03 7.88
C PHE A 307 15.66 19.91 8.55
N ASN A 308 15.64 19.49 9.82
CA ASN A 308 16.86 19.39 10.59
C ASN A 308 17.93 18.69 9.79
N GLN A 309 17.62 17.49 9.29
CA GLN A 309 18.55 16.76 8.43
C GLN A 309 19.17 17.71 7.41
N VAL A 310 18.36 18.26 6.51
CA VAL A 310 18.82 19.25 5.50
C VAL A 310 19.74 20.36 6.04
N ILE A 311 19.39 20.95 7.19
CA ILE A 311 20.27 21.97 7.78
C ILE A 311 21.62 21.38 8.20
N LEU A 312 21.61 20.40 9.10
CA LEU A 312 22.85 19.73 9.55
C LEU A 312 23.77 19.43 8.39
N HIS A 313 23.19 18.93 7.30
CA HIS A 313 23.96 18.54 6.16
C HIS A 313 24.53 19.73 5.39
N CYS A 314 23.77 20.83 5.36
CA CYS A 314 24.22 22.05 4.67
C CYS A 314 25.42 22.64 5.37
N THR A 316 27.58 21.06 7.45
CA THR A 316 28.59 20.08 7.77
C THR A 316 29.26 19.63 6.49
N GLY A 317 28.48 19.62 5.42
CA GLY A 317 28.98 19.26 4.09
C GLY A 317 30.23 20.03 3.77
N VAL A 318 31.23 19.35 3.24
CA VAL A 318 32.52 20.00 2.96
C VAL A 318 32.44 20.84 1.70
N ASP A 319 31.62 20.44 0.74
CA ASP A 319 31.56 21.09 -0.56
C ASP A 319 30.43 22.11 -0.69
N CYS A 320 29.82 22.47 0.43
CA CYS A 320 28.69 23.39 0.42
C CYS A 320 29.12 24.83 0.23
N THR A 321 28.80 25.39 -0.94
CA THR A 321 28.92 26.82 -1.18
C THR A 321 28.52 27.63 0.07
N ASP A 322 29.32 28.64 0.40
CA ASP A 322 29.08 29.47 1.60
C ASP A 322 27.68 30.07 1.61
N GLY A 323 27.14 30.33 0.43
CA GLY A 323 25.76 30.78 0.28
C GLY A 323 24.79 29.82 0.94
N THR A 324 24.94 28.54 0.64
CA THR A 324 24.13 27.49 1.26
C THR A 324 24.24 27.60 2.79
N ARG A 325 25.47 27.54 3.27
CA ARG A 325 25.76 27.61 4.70
C ARG A 325 25.13 28.84 5.36
N GLN A 326 25.06 29.94 4.63
CA GLN A 326 24.48 31.17 5.17
C GLN A 326 22.96 31.09 5.19
N LYS A 327 22.37 30.68 4.07
CA LYS A 327 20.92 30.55 3.95
C LYS A 327 20.38 29.49 4.92
N ALA A 328 21.19 28.45 5.17
CA ALA A 328 20.80 27.38 6.06
C ALA A 328 20.86 27.86 7.50
N ALA A 329 21.87 28.67 7.81
CA ALA A 329 21.98 29.25 9.14
C ALA A 329 20.80 30.16 9.40
N ALA A 330 20.50 31.00 8.41
CA ALA A 330 19.38 31.93 8.46
C ALA A 330 18.07 31.22 8.73
N LEU A 331 17.75 30.23 7.89
CA LEU A 331 16.50 29.47 8.01
C LEU A 331 16.36 28.78 9.35
N TYR A 332 17.47 28.47 10.01
CA TYR A 332 17.37 27.86 11.32
C TYR A 332 16.98 28.89 12.35
N GLU A 333 17.30 30.15 12.06
CA GLU A 333 17.00 31.23 12.97
C GLU A 333 15.52 31.48 12.98
N GLN A 334 14.90 31.32 11.80
CA GLN A 334 13.46 31.30 11.67
C GLN A 334 12.93 30.26 12.63
N TYR A 335 12.95 29.00 12.21
CA TYR A 335 12.71 27.83 13.06
C TYR A 335 12.88 28.11 14.55
N LEU A 336 14.08 28.53 14.94
CA LEU A 336 14.40 28.74 16.35
C LEU A 336 13.57 29.84 17.00
N ALA A 337 13.01 30.71 16.17
CA ALA A 337 12.10 31.76 16.65
C ALA A 337 10.64 31.42 16.39
N HIS A 338 10.39 30.19 15.93
CA HIS A 338 9.02 29.74 15.73
C HIS A 338 8.37 29.46 17.09
N PRO A 339 7.15 29.98 17.30
CA PRO A 339 6.44 29.86 18.57
C PRO A 339 6.26 28.42 19.04
N ALA A 340 6.32 27.47 18.10
CA ALA A 340 6.29 26.04 18.43
C ALA A 340 7.58 25.60 19.10
N VAL A 341 8.67 26.30 18.77
CA VAL A 341 10.03 25.93 19.14
C VAL A 341 10.56 26.91 20.19
N SER A 342 10.20 28.19 20.08
CA SER A 342 10.55 29.22 21.07
C SER A 342 10.72 28.68 22.51
N PRO A 343 9.63 28.08 23.08
CA PRO A 343 9.61 27.63 24.48
C PRO A 343 10.69 26.62 24.82
N HIS A 344 11.02 25.74 23.87
CA HIS A 344 12.02 24.71 24.11
C HIS A 344 13.43 25.27 24.20
N ILE A 345 13.66 26.41 23.55
CA ILE A 345 14.98 27.07 23.57
C ILE A 345 15.16 27.88 24.83
N HIS A 346 16.28 27.66 25.51
CA HIS A 346 16.59 28.34 26.75
C HIS A 346 18.00 28.92 26.71
N ASN A 347 18.10 30.22 27.00
CA ASN A 347 19.39 30.85 27.19
C ASN A 347 20.07 30.21 28.40
N GLY A 348 21.35 29.91 28.25
CA GLY A 348 22.09 29.19 29.29
C GLY A 348 21.94 27.68 29.15
N LEU A 349 21.44 27.25 27.98
CA LEU A 349 21.23 25.84 27.71
C LEU A 349 21.55 25.48 26.26
N PHE A 350 20.87 26.14 25.33
CA PHE A 350 20.97 25.83 23.91
C PHE A 350 22.10 26.60 23.23
N GLY A 351 22.69 26.01 22.20
CA GLY A 351 23.62 26.70 21.30
C GLY A 351 24.65 27.55 22.00
N ASN A 352 24.69 28.84 21.64
CA ASN A 352 25.66 29.78 22.20
C ASN A 352 25.19 30.47 23.49
N TYR A 353 24.23 29.85 24.17
CA TYR A 353 23.70 30.33 25.45
C TYR A 353 22.94 31.67 25.34
N ASP A 354 22.87 32.22 24.13
CA ASP A 354 22.15 33.46 23.87
C ASP A 354 20.84 33.19 23.13
N GLY A 355 20.80 32.10 22.36
CA GLY A 355 19.55 31.70 21.71
C GLY A 355 19.70 31.16 20.30
N SER A 356 20.88 31.35 19.72
CA SER A 356 21.21 30.78 18.41
C SER A 356 22.18 29.63 18.59
N PRO A 357 22.50 28.92 17.49
CA PRO A 357 23.57 27.95 17.57
C PRO A 357 24.96 28.60 17.59
N ASP A 358 25.94 27.83 18.03
CA ASP A 358 27.34 28.19 17.92
C ASP A 358 27.94 27.36 16.78
N TRP A 359 27.77 27.86 15.56
CA TRP A 359 28.15 27.11 14.36
C TRP A 359 29.68 26.98 14.22
N THR A 360 30.41 27.38 15.25
CA THR A 360 31.89 27.37 15.25
C THR A 360 32.48 26.11 15.90
N THR A 361 31.65 25.34 16.60
CA THR A 361 32.10 24.11 17.25
C THR A 361 31.01 23.10 17.15
N ARG A 362 31.36 21.89 16.75
CA ARG A 362 30.38 20.83 16.59
C ARG A 362 29.98 20.21 17.92
N ALA A 363 30.72 20.54 18.98
CA ALA A 363 30.41 20.03 20.32
C ALA A 363 29.28 20.83 20.94
N ALA A 364 28.84 21.86 20.23
CA ALA A 364 27.82 22.76 20.74
C ALA A 364 26.43 22.19 20.52
N ASP A 365 25.59 22.25 21.56
CA ASP A 365 24.22 21.78 21.50
C ASP A 365 23.42 22.67 20.56
N ASN A 366 23.54 22.42 19.27
CA ASN A 366 23.08 23.35 18.25
C ASN A 366 21.76 22.98 17.58
N PHE A 367 21.20 21.83 17.97
CA PHE A 367 19.97 21.35 17.34
C PHE A 367 18.88 21.06 18.34
N LEU A 368 17.65 21.40 17.94
CA LEU A 368 16.49 21.12 18.74
C LEU A 368 15.46 20.53 17.79
N LEU A 369 15.33 19.20 17.84
CA LEU A 369 14.33 18.48 17.03
C LEU A 369 12.99 18.41 17.76
N LEU A 370 11.91 18.50 17.00
CA LEU A 370 10.58 18.42 17.55
C LEU A 370 10.07 17.00 17.50
N SER A 371 9.30 16.60 18.50
CA SER A 371 8.68 15.29 18.52
C SER A 371 7.57 15.19 17.50
N SER A 372 7.40 14.00 16.92
CA SER A 372 6.35 13.80 15.93
C SER A 372 5.03 13.37 16.54
N GLN A 373 4.91 13.48 17.86
CA GLN A 373 3.70 13.07 18.57
C GLN A 373 3.27 14.15 19.53
N ASP A 374 4.19 14.57 20.40
CA ASP A 374 3.89 15.63 21.37
C ASP A 374 4.73 16.86 21.05
N SER A 375 4.07 17.87 20.49
CA SER A 375 4.72 19.12 20.10
C SER A 375 5.42 19.80 21.27
N ASP A 376 5.07 19.36 22.48
CA ASP A 376 5.65 19.89 23.72
C ASP A 376 6.80 19.04 24.29
N THR A 377 7.22 18.01 23.56
CA THR A 377 8.45 17.28 23.92
C THR A 377 9.46 17.46 22.80
N ALA A 378 10.74 17.63 23.16
CA ALA A 378 11.78 17.94 22.20
C ALA A 378 13.16 17.40 22.62
N LEU A 381 20.59 18.29 21.14
CA LEU A 381 21.83 17.56 20.97
C LEU A 381 22.76 18.34 20.03
N SER A 382 24.01 17.89 19.91
CA SER A 382 25.05 18.62 19.20
C SER A 382 25.34 18.06 17.82
N THR A 383 25.91 18.91 16.96
CA THR A 383 26.23 18.59 15.57
C THR A 383 26.94 17.24 15.40
N ASP A 384 27.89 16.96 16.30
CA ASP A 384 28.66 15.73 16.23
C ASP A 384 27.79 14.51 16.52
N THR A 385 27.01 14.59 17.58
CA THR A 385 26.15 13.47 17.95
C THR A 385 24.96 13.30 17.00
N LEU A 386 24.56 14.39 16.34
CA LEU A 386 23.43 14.33 15.43
C LEU A 386 23.83 13.66 14.13
N LEU A 387 25.10 13.81 13.76
CA LEU A 387 25.61 13.21 12.55
C LEU A 387 25.70 11.70 12.67
N THR A 388 26.10 11.24 13.86
CA THR A 388 26.33 9.82 14.11
C THR A 388 25.04 9.08 14.38
N LEU A 390 22.35 9.90 12.86
CA LEU A 390 21.73 9.92 11.54
C LEU A 390 22.26 8.83 10.62
N ASN A 391 23.57 8.76 10.46
CA ASN A 391 24.23 7.69 9.71
C ASN A 391 25.18 6.95 10.65
N PRO A 392 24.63 6.06 11.50
CA PRO A 392 25.35 5.52 12.66
C PRO A 392 26.58 4.70 12.32
N THR A 393 27.15 4.07 13.32
CA THR A 393 28.38 3.32 13.17
C THR A 393 28.30 2.15 14.14
N PRO A 394 29.06 1.06 13.87
CA PRO A 394 29.00 -0.10 14.75
C PRO A 394 28.74 0.29 16.21
N ASP A 395 29.61 1.11 16.78
CA ASP A 395 29.51 1.51 18.18
C ASP A 395 29.15 2.98 18.34
N THR A 396 27.97 3.35 17.86
CA THR A 396 27.43 4.70 18.04
C THR A 396 26.50 4.71 19.25
N ALA A 397 26.80 5.55 20.22
CA ALA A 397 25.91 5.76 21.35
C ALA A 397 24.60 6.38 20.90
N TRP A 398 23.52 6.08 21.59
CA TRP A 398 22.23 6.70 21.31
C TRP A 398 21.84 7.59 22.48
N ASP A 399 21.71 7.00 23.66
CA ASP A 399 21.50 7.76 24.89
C ASP A 399 22.55 8.84 25.04
N ASN A 400 22.39 9.93 24.28
CA ASN A 400 23.37 11.02 24.25
C ASN A 400 22.74 12.35 23.84
N PHE A 401 21.71 12.73 24.57
CA PHE A 401 20.96 13.94 24.27
C PHE A 401 20.23 14.37 25.52
N TYR A 402 19.72 15.60 25.50
CA TYR A 402 18.89 16.09 26.57
C TYR A 402 17.46 16.17 26.07
N LEU A 403 16.55 15.51 26.79
CA LEU A 403 15.14 15.51 26.48
C LEU A 403 14.48 16.74 27.12
N LEU A 404 13.64 17.43 26.36
CA LEU A 404 12.99 18.65 26.84
C LEU A 404 11.47 18.54 26.78
N ARG A 405 10.81 18.72 27.94
CA ARG A 405 9.35 18.67 28.02
C ARG A 405 8.84 19.28 29.34
N ALA A 406 8.59 20.59 29.37
CA ALA A 406 8.71 21.48 28.20
C ALA A 406 9.13 22.93 28.55
N GLY A 407 9.52 23.22 29.80
CA GLY A 407 9.90 22.22 30.79
C GLY A 407 11.37 21.91 30.61
N GLU A 408 12.05 21.63 31.73
CA GLU A 408 13.50 21.44 31.70
C GLU A 408 13.91 20.01 31.35
N ASN A 409 15.19 19.70 31.59
CA ASN A 409 15.77 18.38 31.35
C ASN A 409 14.95 17.26 32.00
N VAL A 410 14.69 16.21 31.23
CA VAL A 410 14.03 15.01 31.77
C VAL A 410 15.02 13.86 31.83
N SER A 411 15.08 13.21 32.99
CA SER A 411 16.02 12.12 33.26
C SER A 411 15.81 10.94 32.33
N THR A 412 16.91 10.45 31.74
CA THR A 412 16.87 9.23 30.93
C THR A 412 16.83 8.00 31.85
N ALA A 413 17.85 7.16 31.78
CA ALA A 413 18.01 5.99 32.68
C ALA A 413 16.69 5.40 33.21
N GLN A 414 15.74 5.21 32.28
CA GLN A 414 14.38 4.73 32.56
C GLN A 414 13.59 4.92 31.27
N ILE A 415 14.29 5.43 30.25
CA ILE A 415 13.76 5.57 28.91
C ILE A 415 14.57 4.68 27.99
N SER A 416 13.89 3.81 27.25
CA SER A 416 14.55 3.04 26.21
C SER A 416 14.57 3.85 24.92
N PRO A 417 15.72 4.51 24.63
CA PRO A 417 15.84 5.39 23.49
C PRO A 417 15.16 4.88 22.22
N VAL A 418 15.17 3.57 22.01
CA VAL A 418 14.59 3.00 20.80
C VAL A 418 13.05 3.03 20.85
N GLU A 419 12.49 2.97 22.06
CA GLU A 419 11.05 3.15 22.26
C GLU A 419 10.73 4.64 22.36
N LEU A 420 11.77 5.46 22.47
CA LEU A 420 11.61 6.90 22.38
C LEU A 420 11.54 7.31 20.90
N PHE A 421 12.44 6.74 20.10
CA PHE A 421 12.42 7.00 18.66
C PHE A 421 11.10 6.57 18.05
N ARG A 422 10.43 5.63 18.72
CA ARG A 422 9.20 4.97 18.25
C ARG A 422 8.23 5.88 17.49
N HIS A 423 7.67 6.87 18.20
CA HIS A 423 6.68 7.77 17.62
C HIS A 423 7.12 9.21 17.73
N ASP A 424 8.08 9.45 18.61
CA ASP A 424 8.58 10.79 18.82
C ASP A 424 9.62 11.17 17.77
N PHE A 425 10.54 10.25 17.47
CA PHE A 425 11.68 10.53 16.59
C PHE A 425 11.94 9.39 15.58
N PRO A 426 10.99 9.15 14.66
CA PRO A 426 11.13 8.02 13.73
C PRO A 426 12.49 7.89 13.00
N VAL A 427 13.16 9.01 12.72
CA VAL A 427 14.42 9.00 11.97
C VAL A 427 15.44 8.07 12.59
N PHE A 428 15.60 8.18 13.89
CA PHE A 428 16.61 7.42 14.59
C PHE A 428 16.24 5.95 14.70
N LEU A 429 14.95 5.67 14.89
CA LEU A 429 14.47 4.30 14.85
C LEU A 429 15.03 3.65 13.61
N ALA A 430 14.71 4.22 12.46
CA ALA A 430 15.20 3.74 11.16
C ALA A 430 16.73 3.58 11.13
N ALA A 431 17.45 4.57 11.66
CA ALA A 431 18.91 4.51 11.70
C ALA A 431 19.38 3.32 12.54
N PHE A 432 18.84 3.23 13.76
CA PHE A 432 19.14 2.13 14.67
C PHE A 432 18.74 0.79 14.07
N ASN A 433 17.47 0.71 13.65
CA ASN A 433 16.93 -0.49 12.99
C ASN A 433 17.75 -0.96 11.81
N GLN A 434 18.23 -0.02 11.01
CA GLN A 434 18.94 -0.35 9.79
C GLN A 434 20.39 -0.71 10.08
N GLN A 435 20.96 -0.08 11.11
CA GLN A 435 22.30 -0.42 11.58
C GLN A 435 22.39 -1.91 11.93
N ALA A 436 21.31 -2.45 12.50
CA ALA A 436 21.23 -3.89 12.82
C ALA A 436 21.23 -4.78 11.57
N THR A 437 20.63 -4.30 10.48
CA THR A 437 20.54 -5.05 9.24
C THR A 437 21.79 -4.87 8.37
N GLN A 438 22.50 -3.77 8.59
CA GLN A 438 23.72 -3.47 7.85
C GLN A 438 24.92 -4.24 8.42
N ARG A 439 24.70 -4.88 9.55
CA ARG A 439 25.76 -5.62 10.23
C ARG A 439 25.83 -7.07 9.74
N ARG A 440 24.66 -7.70 9.57
CA ARG A 440 24.59 -9.06 9.05
C ARG A 440 25.11 -9.13 7.61
N PHE A 441 24.56 -8.28 6.74
CA PHE A 441 25.03 -8.15 5.38
C PHE A 441 26.51 -7.79 5.35
N GLY A 442 26.94 -7.00 6.33
CA GLY A 442 28.34 -6.65 6.50
C GLY A 442 29.21 -7.87 6.70
N GLU A 443 28.70 -8.85 7.45
CA GLU A 443 29.42 -10.10 7.72
C GLU A 443 29.67 -10.86 6.43
N LEU A 444 28.65 -10.99 5.59
CA LEU A 444 28.75 -11.71 4.33
C LEU A 444 29.87 -11.12 3.46
N ILE A 445 29.91 -9.79 3.39
CA ILE A 445 30.96 -9.07 2.65
C ILE A 445 32.35 -9.53 3.05
N ASP A 446 32.51 -9.83 4.34
CA ASP A 446 33.80 -10.25 4.89
C ASP A 446 34.05 -11.74 4.68
N ILE A 447 32.97 -12.53 4.76
CA ILE A 447 33.05 -13.98 4.52
C ILE A 447 33.59 -14.27 3.12
N ILE A 448 33.47 -13.29 2.22
CA ILE A 448 33.80 -13.49 0.81
C ILE A 448 34.97 -12.64 0.32
N LEU A 449 35.31 -11.58 1.06
CA LEU A 449 36.50 -10.78 0.74
C LEU A 449 37.59 -10.92 1.81
N SER A 450 37.83 -12.19 2.20
CA SER A 450 38.87 -12.57 3.17
C SER A 450 39.26 -11.45 4.12
N THR A 451 38.43 -11.22 5.14
CA THR A 451 38.67 -10.20 6.19
C THR A 451 39.62 -9.06 5.73
N GLU A 452 40.93 -9.31 5.83
CA GLU A 452 41.94 -8.31 5.48
C GLU A 452 42.82 -8.73 4.30
N GLU A 453 42.28 -9.56 3.41
CA GLU A 453 42.93 -9.92 2.15
C GLU A 453 41.95 -9.61 1.02
N HIS A 454 42.38 -8.78 0.08
CA HIS A 454 41.47 -7.95 -0.71
C HIS A 454 40.81 -6.95 0.22
N GLY A 455 41.59 -6.48 1.19
CA GLY A 455 41.10 -5.54 2.20
C GLY A 455 40.72 -4.21 1.62
N GLU A 456 41.32 -3.86 0.47
CA GLU A 456 40.93 -2.65 -0.26
C GLU A 456 39.52 -2.82 -0.83
N LEU A 457 39.28 -3.93 -1.52
CA LEU A 457 37.96 -4.25 -2.07
C LEU A 457 36.93 -4.56 -0.99
N ASN A 458 37.38 -5.15 0.12
CA ASN A 458 36.48 -5.45 1.25
C ASN A 458 35.83 -4.18 1.78
N GLN A 459 36.50 -3.05 1.59
CA GLN A 459 35.97 -1.77 2.02
C GLN A 459 35.25 -1.01 0.91
N GLN A 460 35.79 -1.04 -0.31
CA GLN A 460 35.12 -0.44 -1.46
C GLN A 460 33.69 -0.95 -1.51
N PHE A 461 33.53 -2.25 -1.29
CA PHE A 461 32.23 -2.90 -1.30
C PHE A 461 31.29 -2.36 -0.22
N LEU A 462 31.77 -2.24 1.00
CA LEU A 462 30.95 -1.72 2.09
C LEU A 462 30.59 -0.24 1.90
N ALA A 463 31.55 0.54 1.43
CA ALA A 463 31.34 1.98 1.21
C ALA A 463 30.23 2.24 0.19
N ALA A 464 30.11 1.37 -0.80
CA ALA A 464 29.10 1.49 -1.84
C ALA A 464 27.67 1.41 -1.28
N THR A 465 27.53 0.81 -0.10
CA THR A 465 26.23 0.63 0.51
C THR A 465 25.75 1.90 1.25
N ASN A 466 26.59 2.93 1.21
CA ASN A 466 26.28 4.18 1.92
C ASN A 466 25.72 5.32 1.05
N GLN A 467 25.51 5.04 -0.24
CA GLN A 467 24.45 5.72 -1.02
C GLN A 467 24.28 5.24 -2.44
N LYS A 468 23.19 5.67 -3.06
CA LYS A 468 22.65 5.08 -4.28
C LYS A 468 23.63 5.01 -5.43
N HIS A 469 24.45 6.04 -5.57
CA HIS A 469 25.39 6.13 -6.69
C HIS A 469 26.84 6.03 -6.22
N SER A 470 27.59 5.12 -6.83
CA SER A 470 29.04 5.01 -6.61
C SER A 470 29.82 5.54 -7.80
N THR A 471 30.67 6.52 -7.53
CA THR A 471 31.50 7.15 -8.56
C THR A 471 32.60 6.20 -9.05
N VAL A 472 33.06 5.32 -8.17
CA VAL A 472 34.08 4.32 -8.50
C VAL A 472 33.47 3.08 -9.15
N LYS A 473 34.14 2.54 -10.17
CA LYS A 473 33.65 1.38 -10.89
C LYS A 473 34.75 0.34 -11.07
N LEU A 474 34.37 -0.93 -11.05
CA LEU A 474 35.33 -2.04 -11.15
C LEU A 474 35.23 -2.76 -12.48
N ILE A 475 35.71 -2.13 -13.54
CA ILE A 475 35.78 -2.75 -14.87
C ILE A 475 37.01 -2.24 -15.62
N ASP A 476 38.05 -3.08 -15.67
CA ASP A 476 39.26 -2.75 -16.41
C ASP A 476 39.92 -4.03 -16.94
N ASP A 477 41.09 -4.33 -16.40
CA ASP A 477 41.82 -5.55 -16.72
C ASP A 477 42.44 -6.08 -15.44
N ALA A 478 43.03 -5.15 -14.67
CA ALA A 478 43.53 -5.45 -13.34
C ALA A 478 42.37 -5.68 -12.37
N SER A 479 41.21 -5.10 -12.69
CA SER A 479 40.02 -5.19 -11.84
C SER A 479 39.18 -6.43 -12.14
N VAL A 480 39.14 -6.83 -13.41
CA VAL A 480 38.39 -8.02 -13.82
C VAL A 480 39.09 -9.29 -13.31
N SER A 481 40.42 -9.25 -13.26
CA SER A 481 41.22 -10.36 -12.74
C SER A 481 40.99 -10.56 -11.24
N ARG A 482 40.89 -9.46 -10.50
CA ARG A 482 40.70 -9.49 -9.06
C ARG A 482 39.53 -10.38 -8.67
N LEU A 483 38.35 -10.05 -9.20
CA LEU A 483 37.10 -10.65 -8.75
C LEU A 483 36.89 -12.06 -9.28
N ALA A 484 37.39 -12.31 -10.49
CA ALA A 484 37.32 -13.63 -11.10
C ALA A 484 38.20 -14.62 -10.34
N THR A 485 39.15 -14.10 -9.57
CA THR A 485 39.95 -14.93 -8.68
C THR A 485 39.31 -15.02 -7.29
N ILE A 486 38.24 -14.26 -7.09
CA ILE A 486 37.61 -14.14 -5.76
C ILE A 486 36.29 -14.89 -5.68
N PHE A 487 35.57 -14.93 -6.80
CA PHE A 487 34.26 -15.58 -6.85
C PHE A 487 34.32 -16.95 -7.50
N ASP A 488 35.22 -17.11 -8.48
CA ASP A 488 35.43 -18.39 -9.13
C ASP A 488 35.47 -19.55 -8.12
N PRO A 489 36.36 -19.48 -7.09
CA PRO A 489 36.44 -20.57 -6.11
C PRO A 489 35.20 -20.66 -5.19
N LEU A 490 34.44 -19.57 -5.09
CA LEU A 490 33.23 -19.54 -4.27
C LEU A 490 32.06 -20.19 -4.99
N LEU A 491 32.28 -20.59 -6.23
CA LEU A 491 31.27 -21.29 -7.01
C LEU A 491 31.90 -22.27 -8.01
N PRO A 492 32.31 -23.47 -7.53
CA PRO A 492 32.85 -24.52 -8.40
C PRO A 492 31.90 -24.85 -9.55
N GLU A 493 32.34 -24.59 -10.78
CA GLU A 493 31.59 -24.91 -12.00
C GLU A 493 30.16 -24.36 -12.00
N GLY A 494 30.04 -23.03 -12.03
CA GLY A 494 28.75 -22.37 -12.21
C GLY A 494 28.02 -21.99 -10.93
N LYS A 495 27.41 -22.99 -10.29
CA LYS A 495 26.43 -22.77 -9.21
C LYS A 495 27.04 -22.33 -7.86
N LEU A 496 26.24 -22.40 -6.81
CA LEU A 496 26.64 -21.92 -5.48
C LEU A 496 27.30 -22.99 -4.64
N SER A 497 28.63 -22.96 -4.56
CA SER A 497 29.39 -23.81 -3.63
C SER A 497 28.61 -24.03 -2.33
N PRO A 498 28.13 -25.26 -2.10
CA PRO A 498 27.30 -25.57 -0.92
C PRO A 498 28.01 -25.34 0.41
N ALA A 499 29.35 -25.43 0.42
CA ALA A 499 30.13 -25.12 1.62
C ALA A 499 30.17 -23.61 1.91
N HIS A 500 29.56 -22.85 1.01
CA HIS A 500 29.48 -21.39 1.09
C HIS A 500 28.02 -21.01 1.34
N TYR A 501 27.11 -21.72 0.67
CA TYR A 501 25.69 -21.72 1.04
C TYR A 501 25.56 -22.14 2.50
N GLN A 502 26.58 -22.86 2.99
CA GLN A 502 26.66 -23.25 4.40
C GLN A 502 27.07 -22.08 5.29
N HIS A 503 28.05 -21.29 4.83
CA HIS A 503 28.45 -20.07 5.55
C HIS A 503 27.27 -19.13 5.69
N ILE A 504 26.61 -18.86 4.57
CA ILE A 504 25.50 -17.92 4.53
C ILE A 504 24.21 -18.51 5.11
N LEU A 505 24.20 -19.82 5.36
CA LEU A 505 23.16 -20.44 6.19
C LEU A 505 23.22 -19.84 7.59
N SER A 506 24.39 -19.95 8.23
CA SER A 506 24.55 -19.56 9.63
C SER A 506 24.63 -18.05 9.84
N ALA A 507 25.43 -17.37 9.00
CA ALA A 507 25.77 -15.96 9.20
C ALA A 507 24.64 -14.98 8.85
N TYR A 508 23.43 -15.51 8.68
CA TYR A 508 22.23 -14.68 8.67
C TYR A 508 21.24 -15.15 9.74
N HIS A 509 21.80 -15.69 10.83
CA HIS A 509 21.05 -16.16 12.00
C HIS A 509 19.80 -16.99 11.67
N LEU A 510 19.91 -17.82 10.62
CA LEU A 510 18.81 -18.68 10.19
C LEU A 510 19.29 -19.80 9.25
N THR A 511 19.60 -20.96 9.83
CA THR A 511 19.93 -22.15 9.03
C THR A 511 18.65 -22.78 8.50
N ASP A 512 17.95 -23.51 9.38
CA ASP A 512 16.69 -24.15 9.03
C ASP A 512 15.51 -23.27 9.43
N ALA A 513 14.68 -22.92 8.45
CA ALA A 513 13.47 -22.15 8.71
C ALA A 513 12.31 -22.63 7.83
N THR A 514 12.36 -22.24 6.54
CA THR A 514 11.38 -22.67 5.55
C THR A 514 11.82 -22.22 4.15
N PRO A 515 11.73 -23.12 3.15
CA PRO A 515 12.15 -22.80 1.79
C PRO A 515 11.46 -21.56 1.23
N GLN A 516 10.21 -21.33 1.65
CA GLN A 516 9.46 -20.15 1.24
C GLN A 516 10.14 -18.87 1.71
N LYS A 517 10.66 -18.88 2.94
CA LYS A 517 11.43 -17.74 3.45
C LYS A 517 12.88 -17.78 2.98
N GLN A 518 13.47 -18.98 2.95
CA GLN A 518 14.84 -19.18 2.48
C GLN A 518 15.02 -18.70 1.04
N ALA A 519 14.00 -18.95 0.19
CA ALA A 519 14.00 -18.47 -1.19
C ALA A 519 14.00 -16.95 -1.24
N GLU A 520 13.09 -16.33 -0.49
CA GLU A 520 12.97 -14.87 -0.43
C GLU A 520 14.26 -14.26 0.10
N THR A 521 14.85 -14.89 1.10
CA THR A 521 16.05 -14.37 1.75
C THR A 521 17.17 -14.13 0.74
N LEU A 522 17.67 -15.21 0.14
CA LEU A 522 18.82 -15.10 -0.74
C LEU A 522 18.47 -14.74 -2.18
N PHE A 523 17.17 -14.64 -2.46
CA PHE A 523 16.71 -13.93 -3.65
C PHE A 523 17.11 -12.48 -3.50
N CYS A 524 16.72 -11.88 -2.37
CA CYS A 524 17.07 -10.50 -2.07
C CYS A 524 18.58 -10.30 -2.16
N LEU A 525 19.34 -11.23 -1.59
CA LEU A 525 20.81 -11.23 -1.70
C LEU A 525 21.30 -11.23 -3.14
N SER A 526 20.49 -11.76 -4.06
CA SER A 526 20.83 -11.71 -5.47
C SER A 526 20.54 -10.36 -6.08
N THR A 527 19.42 -9.75 -5.67
CA THR A 527 19.03 -8.42 -6.14
C THR A 527 19.95 -7.39 -5.49
N ALA A 528 20.68 -7.84 -4.48
CA ALA A 528 21.64 -7.00 -3.81
C ALA A 528 22.94 -6.98 -4.61
N PHE A 529 23.38 -8.14 -5.06
CA PHE A 529 24.61 -8.23 -5.84
C PHE A 529 24.43 -7.83 -7.29
N ALA A 530 23.20 -7.96 -7.79
CA ALA A 530 22.86 -7.37 -9.07
C ALA A 530 23.10 -5.88 -9.01
N ARG A 531 22.55 -5.25 -7.98
CA ARG A 531 22.72 -3.82 -7.76
C ARG A 531 24.21 -3.45 -7.70
N TYR A 532 25.01 -4.28 -7.02
CA TYR A 532 26.45 -4.12 -6.96
C TYR A 532 27.06 -3.97 -8.35
N SER A 533 26.60 -4.81 -9.29
CA SER A 533 27.21 -4.93 -10.60
C SER A 533 26.55 -4.02 -11.63
N SER A 534 25.40 -3.45 -11.27
CA SER A 534 24.67 -2.57 -12.19
C SER A 534 25.38 -1.23 -12.37
N SER A 535 24.85 -0.40 -13.28
CA SER A 535 25.20 1.01 -13.33
C SER A 535 24.86 1.66 -11.98
N ALA A 536 25.34 2.88 -11.77
CA ALA A 536 25.13 3.60 -10.51
C ALA A 536 25.96 3.07 -9.33
N ILE A 537 26.45 1.84 -9.43
CA ILE A 537 27.43 1.34 -8.47
C ILE A 537 28.77 0.89 -9.12
N PHE A 538 29.03 -0.41 -9.23
CA PHE A 538 30.34 -0.89 -9.69
C PHE A 538 30.49 -1.07 -11.20
N GLY A 539 29.48 -0.69 -11.96
CA GLY A 539 29.53 -0.79 -13.41
C GLY A 539 28.92 0.40 -14.11
N THR A 540 29.26 0.59 -15.38
CA THR A 540 28.63 1.62 -16.22
C THR A 540 27.54 1.00 -17.09
N GLU A 541 26.74 1.85 -17.71
CA GLU A 541 25.50 1.46 -18.40
C GLU A 541 25.61 0.34 -19.42
N HIS A 542 26.82 -0.12 -19.69
CA HIS A 542 27.06 -1.15 -20.70
C HIS A 542 28.20 -2.12 -20.33
N ASP A 543 28.71 -2.00 -19.11
CA ASP A 543 29.81 -2.87 -18.66
C ASP A 543 29.69 -3.21 -17.18
N SER A 544 29.17 -4.41 -16.89
CA SER A 544 28.97 -4.85 -15.52
C SER A 544 29.94 -5.99 -15.20
N PRO A 545 30.54 -5.93 -13.99
CA PRO A 545 31.50 -6.93 -13.53
C PRO A 545 30.97 -8.36 -13.72
N PRO A 546 31.62 -9.16 -14.57
CA PRO A 546 31.22 -10.54 -14.82
C PRO A 546 31.00 -11.34 -13.54
N ALA A 547 32.02 -11.42 -12.68
CA ALA A 547 31.94 -12.23 -11.47
C ALA A 547 30.76 -11.85 -10.57
N LEU A 548 30.50 -10.55 -10.45
CA LEU A 548 29.39 -10.06 -9.64
C LEU A 548 28.03 -10.46 -10.23
N ARG A 549 27.99 -10.65 -11.56
CA ARG A 549 26.80 -11.20 -12.21
C ARG A 549 26.74 -12.71 -12.09
N GLY A 550 27.90 -13.33 -11.85
CA GLY A 550 27.98 -14.77 -11.63
C GLY A 550 27.42 -15.12 -10.27
N TYR A 551 27.91 -14.42 -9.25
CA TYR A 551 27.45 -14.62 -7.88
C TYR A 551 25.98 -14.31 -7.74
N ALA A 552 25.52 -13.28 -8.46
CA ALA A 552 24.11 -12.89 -8.44
C ALA A 552 23.22 -13.97 -9.07
N GLU A 553 23.64 -14.50 -10.22
CA GLU A 553 22.91 -15.58 -10.90
C GLU A 553 22.95 -16.86 -10.06
N ALA A 554 24.09 -17.10 -9.42
CA ALA A 554 24.26 -18.24 -8.53
C ALA A 554 23.20 -18.23 -7.43
N LEU A 555 22.88 -17.04 -6.95
CA LEU A 555 21.97 -16.87 -5.81
C LEU A 555 20.51 -17.14 -6.15
N GLN A 557 19.44 -18.84 -8.79
CA GLN A 557 19.36 -20.25 -9.17
C GLN A 557 19.15 -21.11 -7.93
N LYS A 558 19.90 -20.80 -6.87
CA LYS A 558 19.74 -21.46 -5.58
C LYS A 558 18.56 -20.88 -4.79
N ALA A 559 17.75 -20.07 -5.45
CA ALA A 559 16.47 -19.63 -4.89
C ALA A 559 15.31 -20.31 -5.61
N TRP A 560 15.58 -20.82 -6.81
CA TRP A 560 14.57 -21.47 -7.64
C TRP A 560 14.25 -22.89 -7.15
N GLU A 561 15.24 -23.57 -6.59
CA GLU A 561 15.06 -24.94 -6.11
C GLU A 561 14.24 -24.98 -4.82
N LEU A 562 14.28 -23.88 -4.06
CA LEU A 562 13.59 -23.80 -2.77
C LEU A 562 12.08 -23.58 -2.96
N SER A 563 11.65 -22.32 -3.05
CA SER A 563 10.27 -22.00 -3.37
C SER A 563 10.21 -21.14 -4.63
N PRO A 564 10.14 -21.80 -5.81
CA PRO A 564 10.02 -21.10 -7.09
C PRO A 564 8.66 -20.43 -7.23
N ALA A 565 7.72 -20.83 -6.37
CA ALA A 565 6.37 -20.28 -6.36
C ALA A 565 6.32 -18.81 -5.96
N ILE A 566 7.40 -18.32 -5.35
CA ILE A 566 7.49 -16.91 -4.97
C ILE A 566 7.89 -16.00 -6.14
N PHE A 567 8.39 -16.61 -7.21
CA PHE A 567 8.86 -15.87 -8.39
C PHE A 567 7.70 -15.35 -9.25
N PRO A 568 8.04 -14.60 -10.30
CA PRO A 568 7.04 -14.02 -11.20
C PRO A 568 6.58 -15.02 -12.27
N SER A 569 7.54 -15.69 -12.90
CA SER A 569 7.26 -16.70 -13.92
C SER A 569 8.50 -17.53 -14.25
N SER A 570 8.28 -18.71 -14.83
CA SER A 570 9.35 -19.54 -15.38
C SER A 570 10.07 -18.78 -16.49
N GLU A 571 9.34 -17.88 -17.15
CA GLU A 571 9.90 -16.97 -18.14
C GLU A 571 10.92 -16.03 -17.50
N GLN A 572 10.58 -15.48 -16.33
CA GLN A 572 11.40 -14.47 -15.66
C GLN A 572 12.74 -14.98 -15.17
N PHE A 573 12.73 -16.10 -14.45
CA PHE A 573 13.97 -16.73 -13.99
C PHE A 573 14.92 -16.95 -15.17
N THR A 574 14.41 -17.59 -16.22
CA THR A 574 15.17 -17.78 -17.46
C THR A 574 15.57 -16.44 -18.08
N GLU A 575 14.62 -15.52 -18.16
CA GLU A 575 14.87 -14.17 -18.70
C GLU A 575 15.97 -13.45 -17.92
N TRP A 576 15.93 -13.56 -16.59
CA TRP A 576 16.95 -12.98 -15.73
C TRP A 576 18.24 -13.78 -15.75
N SER A 577 18.13 -15.07 -15.39
CA SER A 577 19.29 -15.97 -15.31
C SER A 577 20.14 -15.89 -16.57
N ASP A 578 19.50 -15.65 -17.71
CA ASP A 578 20.19 -15.25 -18.92
C ASP A 578 20.98 -13.96 -18.64
N ARG A 579 20.35 -12.81 -18.83
CA ARG A 579 20.97 -11.48 -18.58
C ARG A 579 22.34 -11.50 -17.88
N PHE A 580 22.40 -12.15 -16.72
CA PHE A 580 23.65 -12.37 -16.01
C PHE A 580 24.73 -12.95 -16.93
N HIS A 581 24.30 -13.74 -17.91
CA HIS A 581 25.12 -14.06 -19.10
C HIS A 581 24.50 -13.41 -20.35
N GLY A 582 25.33 -13.11 -21.35
CA GLY A 582 24.91 -12.24 -22.45
C GLY A 582 24.18 -12.88 -23.62
N LEU A 583 22.94 -13.31 -23.38
CA LEU A 583 22.06 -13.74 -24.47
C LEU A 583 21.07 -12.62 -24.81
N HIS A 584 21.17 -11.51 -24.09
CA HIS A 584 20.15 -10.47 -24.10
C HIS A 584 20.78 -9.06 -24.22
N GLY A 585 21.15 -8.70 -25.44
CA GLY A 585 21.76 -7.39 -25.71
C GLY A 585 23.06 -7.19 -24.96
N ALA A 586 23.23 -6.01 -24.37
CA ALA A 586 24.41 -5.66 -23.56
C ALA A 586 24.37 -4.20 -23.13
N PHE A 587 23.20 -3.73 -22.70
CA PHE A 587 23.02 -2.33 -22.33
C PHE A 587 21.98 -2.14 -21.23
N THR A 588 21.60 -0.88 -20.98
CA THR A 588 20.90 -0.46 -19.76
C THR A 588 21.37 -1.23 -18.51
N CYS A 589 22.57 -1.82 -18.64
CA CYS A 589 23.23 -2.63 -17.61
C CYS A 589 22.31 -3.72 -17.02
N THR A 590 22.63 -4.17 -15.82
CA THR A 590 21.70 -5.01 -15.07
C THR A 590 20.77 -4.10 -14.26
N SER A 591 20.84 -2.80 -14.55
CA SER A 591 19.97 -1.80 -13.93
C SER A 591 18.50 -2.12 -14.19
N VAL A 592 18.24 -2.99 -15.17
CA VAL A 592 16.91 -3.52 -15.39
C VAL A 592 16.67 -4.74 -14.50
N VAL A 593 17.62 -5.67 -14.51
CA VAL A 593 17.56 -6.88 -13.69
C VAL A 593 17.48 -6.53 -12.22
N ALA A 594 18.42 -5.69 -11.77
CA ALA A 594 18.51 -5.26 -10.38
C ALA A 594 17.29 -4.44 -9.97
N ASP A 595 16.86 -3.53 -10.85
CA ASP A 595 15.69 -2.71 -10.59
C ASP A 595 14.41 -3.52 -10.54
N SER A 596 14.23 -4.45 -11.49
CA SER A 596 13.02 -5.27 -11.54
C SER A 596 12.95 -6.33 -10.43
N GLN A 598 14.23 -6.11 -7.46
CA GLN A 598 13.93 -5.35 -6.25
C GLN A 598 12.49 -4.84 -6.27
N ARG A 599 11.98 -4.56 -7.46
CA ARG A 599 10.59 -4.13 -7.63
C ARG A 599 9.65 -5.29 -7.32
N HIS A 600 10.00 -6.48 -7.84
CA HIS A 600 9.32 -7.71 -7.43
C HIS A 600 9.88 -8.17 -6.10
N ALA A 601 9.80 -7.30 -5.11
CA ALA A 601 10.20 -7.60 -3.77
C ALA A 601 9.36 -6.73 -2.86
N ARG A 602 9.50 -5.43 -3.05
CA ARG A 602 8.63 -4.42 -2.44
C ARG A 602 7.14 -4.74 -2.69
N LYS A 603 6.89 -5.64 -3.63
CA LYS A 603 5.61 -6.34 -3.75
C LYS A 603 5.87 -7.85 -3.70
N TYR A 604 4.97 -8.57 -3.06
CA TYR A 604 5.13 -10.00 -2.74
C TYR A 604 6.39 -10.22 -1.94
N PHE A 605 6.27 -10.18 -0.60
CA PHE A 605 7.37 -10.49 0.35
C PHE A 605 8.36 -9.35 0.72
N PRO A 606 7.88 -8.09 0.78
CA PRO A 606 8.78 -6.94 0.88
C PRO A 606 9.47 -6.79 2.23
N SER A 607 8.99 -7.50 3.25
CA SER A 607 9.56 -7.42 4.59
C SER A 607 11.02 -7.87 4.63
N VAL A 608 11.37 -8.77 3.71
CA VAL A 608 12.70 -9.35 3.65
C VAL A 608 13.66 -8.47 2.84
N LEU A 609 13.11 -7.65 1.95
CA LEU A 609 13.92 -6.75 1.12
C LEU A 609 14.67 -5.81 2.04
N SER A 610 13.97 -5.38 3.09
CA SER A 610 14.54 -4.48 4.10
C SER A 610 15.07 -5.25 5.30
N SER A 611 16.27 -5.82 5.14
CA SER A 611 16.95 -6.56 6.21
C SER A 611 18.30 -7.00 5.65
N ILE A 612 18.38 -6.93 4.32
CA ILE A 612 19.56 -7.32 3.57
C ILE A 612 19.97 -6.14 2.73
N LEU A 613 18.98 -5.51 2.12
CA LEU A 613 19.19 -4.43 1.17
C LEU A 613 19.62 -3.15 1.88
N PRO A 614 20.85 -2.69 1.64
CA PRO A 614 21.29 -1.44 2.23
C PRO A 614 20.25 -0.34 2.03
N LEU A 615 19.91 0.37 3.10
CA LEU A 615 18.88 1.39 3.07
C LEU A 615 19.04 2.32 1.87
N ALA A 616 20.28 2.70 1.58
CA ALA A 616 20.57 3.62 0.50
C ALA A 616 20.12 3.10 -0.87
N TRP A 617 20.12 1.78 -1.05
CA TRP A 617 19.68 1.19 -2.32
C TRP A 617 18.17 1.00 -2.42
N ALA A 618 17.46 1.17 -1.30
CA ALA A 618 15.99 1.13 -1.29
C ALA A 618 15.38 2.37 -1.97
N SER B 1 5.01 33.54 10.41
CA SER B 1 5.54 33.33 11.79
C SER B 1 4.70 32.33 12.55
N SER B 2 3.59 31.92 11.95
CA SER B 2 2.64 31.06 12.63
C SER B 2 2.37 29.81 11.79
N PRO B 3 1.37 29.00 12.18
CA PRO B 3 0.78 28.93 13.52
C PRO B 3 1.65 28.10 14.46
N SER B 4 1.64 28.45 15.74
CA SER B 4 2.45 27.78 16.76
C SER B 4 2.09 26.32 16.98
N SER B 5 1.12 26.09 17.88
CA SER B 5 0.64 24.77 18.22
C SER B 5 -0.13 24.16 17.05
N PRO B 6 -0.19 22.83 16.98
CA PRO B 6 -1.13 22.13 16.08
C PRO B 6 -2.59 22.49 16.37
N ALA B 7 -2.86 22.93 17.60
CA ALA B 7 -4.18 23.41 17.98
C ALA B 7 -4.47 24.80 17.39
N ASP B 8 -3.41 25.57 17.10
CA ASP B 8 -3.53 26.86 16.42
C ASP B 8 -3.93 26.69 14.96
N TRP B 9 -3.38 25.65 14.32
CA TRP B 9 -3.79 25.30 12.97
C TRP B 9 -5.29 25.01 12.94
N ALA B 10 -5.75 24.29 13.97
CA ALA B 10 -7.17 23.96 14.12
C ALA B 10 -7.98 25.23 14.22
N LYS B 11 -7.45 26.20 14.96
CA LYS B 11 -8.06 27.52 15.08
C LYS B 11 -8.13 28.19 13.72
N LYS B 12 -7.00 28.36 13.04
CA LYS B 12 -7.00 29.05 11.75
C LYS B 12 -8.02 28.44 10.79
N LEU B 13 -8.24 27.13 10.91
CA LEU B 13 -9.26 26.42 10.13
C LEU B 13 -10.65 26.77 10.62
N THR B 14 -10.82 26.81 11.94
CA THR B 14 -12.09 27.18 12.56
C THR B 14 -12.52 28.58 12.12
N ASP B 15 -11.61 29.54 12.24
CA ASP B 15 -11.88 30.92 11.83
C ASP B 15 -12.24 30.98 10.34
N ALA B 16 -11.56 30.16 9.55
CA ALA B 16 -11.77 30.14 8.11
C ALA B 16 -13.17 29.69 7.75
N VAL B 17 -13.53 28.49 8.20
CA VAL B 17 -14.81 27.89 7.85
C VAL B 17 -15.97 28.66 8.44
N LEU B 18 -15.76 29.23 9.63
CA LEU B 18 -16.77 30.05 10.28
C LEU B 18 -16.91 31.40 9.61
N ARG B 19 -15.87 31.83 8.88
CA ARG B 19 -15.96 33.01 8.04
C ARG B 19 -16.80 32.74 6.79
N GLN B 20 -16.74 31.50 6.29
CA GLN B 20 -17.60 31.06 5.18
C GLN B 20 -18.99 30.71 5.68
N LYS B 21 -19.12 30.54 7.00
CA LYS B 21 -20.42 30.35 7.62
C LYS B 21 -21.29 31.57 7.38
N ALA B 22 -20.66 32.74 7.46
CA ALA B 22 -21.25 33.99 6.98
C ALA B 22 -21.20 34.03 5.45
N GLY B 23 -21.62 35.13 4.86
CA GLY B 23 -21.62 35.28 3.39
C GLY B 23 -20.25 35.53 2.76
N GLU B 24 -19.18 35.44 3.57
CA GLU B 24 -17.82 35.72 3.12
C GLU B 24 -17.29 34.64 2.17
N THR B 25 -16.59 35.08 1.13
CA THR B 25 -15.79 34.19 0.28
C THR B 25 -14.31 34.37 0.61
N LEU B 26 -13.55 33.29 0.57
CA LEU B 26 -12.15 33.33 0.98
C LEU B 26 -11.17 33.33 -0.20
N THR B 27 -10.16 34.19 -0.09
CA THR B 27 -9.11 34.28 -1.09
C THR B 27 -8.27 32.99 -1.02
N ALA B 28 -7.82 32.51 -2.17
CA ALA B 28 -7.01 31.28 -2.22
C ALA B 28 -6.02 31.20 -1.06
N ALA B 29 -5.39 32.35 -0.76
CA ALA B 29 -4.44 32.45 0.34
C ALA B 29 -5.00 31.84 1.61
N ASP B 30 -6.14 32.35 2.06
CA ASP B 30 -6.80 31.80 3.25
C ASP B 30 -6.91 30.28 3.14
N ARG B 31 -7.57 29.81 2.09
CA ARG B 31 -7.79 28.38 1.89
C ARG B 31 -6.51 27.57 1.63
N ASP B 32 -5.34 28.20 1.71
CA ASP B 32 -4.07 27.48 1.59
C ASP B 32 -3.53 27.01 2.94
N PHE B 33 -3.83 25.75 3.26
CA PHE B 33 -3.33 25.12 4.48
C PHE B 33 -2.25 24.09 4.19
N SER B 34 -1.48 24.32 3.13
CA SER B 34 -0.27 23.54 2.84
C SER B 34 0.56 23.33 4.10
N ASN B 35 1.03 22.10 4.29
CA ASN B 35 1.89 21.74 5.42
C ASN B 35 1.27 21.99 6.80
N ALA B 36 -0.05 22.02 6.88
CA ALA B 36 -0.73 22.22 8.16
C ALA B 36 -0.38 21.10 9.12
N ASP B 37 -0.24 21.40 10.40
CA ASP B 37 -0.04 20.35 11.40
C ASP B 37 -1.29 20.16 12.23
N PHE B 38 -2.12 19.20 11.82
CA PHE B 38 -3.36 18.91 12.53
C PHE B 38 -3.22 17.70 13.43
N ARG B 39 -1.97 17.24 13.60
CA ARG B 39 -1.71 16.02 14.38
C ARG B 39 -2.28 16.08 15.79
N ASN B 40 -2.84 14.96 16.23
CA ASN B 40 -3.38 14.79 17.59
C ASN B 40 -4.46 15.79 17.98
N ILE B 41 -5.40 16.01 17.07
CA ILE B 41 -6.49 16.96 17.29
C ILE B 41 -7.83 16.28 17.13
N THR B 42 -8.65 16.32 18.19
CA THR B 42 -10.07 16.03 18.07
C THR B 42 -10.77 17.30 17.58
N PHE B 43 -11.37 17.22 16.39
CA PHE B 43 -11.99 18.39 15.76
C PHE B 43 -13.36 18.69 16.33
N SER B 44 -13.78 17.90 17.33
CA SER B 44 -15.04 18.12 18.02
C SER B 44 -14.91 19.22 19.07
N LYS B 45 -13.73 19.31 19.68
CA LYS B 45 -13.49 20.30 20.73
C LYS B 45 -13.13 21.68 20.16
N ILE B 46 -13.12 21.80 18.83
CA ILE B 46 -12.66 23.02 18.17
C ILE B 46 -13.69 23.62 17.22
N LEU B 47 -14.50 22.74 16.63
CA LEU B 47 -15.46 23.16 15.62
C LEU B 47 -16.89 23.08 16.16
N PRO B 48 -17.79 23.95 15.67
CA PRO B 48 -19.20 23.84 16.05
C PRO B 48 -19.82 22.58 15.47
N PRO B 49 -20.86 22.03 16.12
CA PRO B 49 -21.50 20.82 15.61
C PRO B 49 -22.46 21.11 14.46
N SER B 50 -22.24 22.22 13.76
CA SER B 50 -22.90 22.48 12.50
C SER B 50 -22.34 21.54 11.45
N PHE B 51 -21.08 21.15 11.64
CA PHE B 51 -20.31 20.44 10.62
C PHE B 51 -20.38 18.93 10.76
N GLU B 53 -23.11 17.09 11.45
CA GLU B 53 -24.48 16.59 11.27
C GLU B 53 -24.82 16.49 9.78
N ARG B 54 -25.85 15.71 9.45
CA ARG B 54 -26.28 15.54 8.06
C ARG B 54 -26.73 16.87 7.45
N ASP B 55 -26.48 17.03 6.14
CA ASP B 55 -26.82 18.25 5.41
C ASP B 55 -26.34 19.51 6.16
N GLY B 56 -25.35 19.33 7.04
CA GLY B 56 -24.84 20.40 7.87
C GLY B 56 -23.76 21.19 7.17
N ASP B 57 -23.09 22.07 7.92
CA ASP B 57 -22.01 22.87 7.38
C ASP B 57 -20.90 21.96 6.85
N ILE B 58 -20.35 22.34 5.70
CA ILE B 58 -19.34 21.54 5.01
C ILE B 58 -18.09 22.38 4.93
N ILE B 59 -16.92 21.74 4.90
CA ILE B 59 -15.68 22.48 4.66
C ILE B 59 -15.22 22.33 3.19
N LYS B 60 -15.36 23.43 2.45
CA LYS B 60 -15.21 23.39 1.00
C LYS B 60 -14.04 24.26 0.50
N GLY B 61 -13.24 23.71 -0.41
CA GLY B 61 -12.24 24.49 -1.15
C GLY B 61 -10.93 24.77 -0.47
N PHE B 62 -10.44 23.82 0.33
CA PHE B 62 -9.18 24.01 1.06
C PHE B 62 -8.04 23.15 0.54
N ASN B 63 -6.85 23.73 0.55
CA ASN B 63 -5.62 23.09 0.10
C ASN B 63 -4.87 22.57 1.33
N PHE B 64 -4.80 21.25 1.46
CA PHE B 64 -4.14 20.63 2.61
C PHE B 64 -2.91 19.86 2.14
N SER B 65 -2.32 20.32 1.04
CA SER B 65 -1.25 19.56 0.38
C SER B 65 -0.11 19.26 1.32
N ASN B 66 0.41 18.02 1.24
CA ASN B 66 1.47 17.55 2.11
C ASN B 66 1.25 18.06 3.55
N SER B 67 0.32 17.43 4.27
CA SER B 67 -0.25 18.05 5.47
C SER B 67 0.01 17.38 6.82
N LYS B 68 -0.38 16.11 6.96
CA LYS B 68 -0.27 15.39 8.25
C LYS B 68 -1.44 15.64 9.20
N PHE B 69 -2.35 14.67 9.25
CA PHE B 69 -3.47 14.65 10.18
C PHE B 69 -3.26 13.55 11.20
N THR B 70 -2.03 13.03 11.29
CA THR B 70 -1.74 11.80 12.03
C THR B 70 -2.32 11.86 13.44
N TYR B 71 -2.97 10.77 13.85
CA TYR B 71 -3.58 10.61 15.19
C TYR B 71 -4.78 11.51 15.49
N SER B 72 -5.18 12.34 14.53
CA SER B 72 -6.29 13.25 14.75
C SER B 72 -7.65 12.57 14.60
N ASP B 73 -8.69 13.26 15.05
CA ASP B 73 -10.07 12.80 14.92
C ASP B 73 -10.86 13.70 13.95
N ILE B 74 -11.24 13.13 12.80
CA ILE B 74 -12.03 13.85 11.80
C ILE B 74 -13.37 13.15 11.54
N SER B 75 -13.84 12.41 12.53
CA SER B 75 -15.12 11.72 12.46
C SER B 75 -16.26 12.66 12.11
N HIS B 76 -17.17 12.17 11.26
CA HIS B 76 -18.42 12.87 10.92
C HIS B 76 -18.21 14.27 10.34
N LEU B 77 -17.35 14.37 9.35
CA LEU B 77 -17.03 15.64 8.74
C LEU B 77 -17.22 15.58 7.23
N HIS B 78 -17.59 16.70 6.62
CA HIS B 78 -17.71 16.72 5.17
C HIS B 78 -16.70 17.65 4.49
N PHE B 79 -15.79 17.05 3.73
CA PHE B 79 -14.82 17.79 2.96
C PHE B 79 -15.28 17.85 1.50
N ASP B 80 -15.00 18.98 0.83
CA ASP B 80 -15.44 19.16 -0.56
C ASP B 80 -14.52 20.08 -1.34
N GLU B 81 -14.22 19.68 -2.58
CA GLU B 81 -13.24 20.38 -3.44
C GLU B 81 -11.99 20.71 -2.63
N CYS B 82 -11.43 19.68 -2.00
CA CYS B 82 -10.29 19.82 -1.11
C CYS B 82 -9.07 19.09 -1.65
N ARG B 83 -7.87 19.51 -1.23
CA ARG B 83 -6.64 18.89 -1.71
C ARG B 83 -5.80 18.32 -0.56
N PHE B 84 -5.79 17.00 -0.44
CA PHE B 84 -4.98 16.31 0.57
C PHE B 84 -3.69 15.78 -0.04
N THR B 85 -3.53 16.03 -1.34
CA THR B 85 -2.43 15.46 -2.10
C THR B 85 -1.14 15.47 -1.29
N TYR B 86 -0.53 14.28 -1.17
CA TYR B 86 0.74 14.08 -0.46
C TYR B 86 0.64 13.94 1.06
N SER B 87 -0.53 14.21 1.62
CA SER B 87 -0.73 14.22 3.07
C SER B 87 -0.60 12.86 3.75
N THR B 88 -0.44 12.89 5.08
CA THR B 88 -0.44 11.70 5.90
C THR B 88 -1.68 11.70 6.76
N LEU B 89 -2.61 10.84 6.44
CA LEU B 89 -3.78 10.61 7.28
C LEU B 89 -3.67 9.23 7.97
N SER B 90 -2.55 8.99 8.64
CA SER B 90 -2.33 7.70 9.28
C SER B 90 -2.86 7.70 10.70
N ASP B 91 -3.31 6.54 11.16
CA ASP B 91 -3.87 6.38 12.50
C ASP B 91 -4.90 7.47 12.81
N VAL B 92 -5.60 7.95 11.79
CA VAL B 92 -6.69 8.88 12.01
C VAL B 92 -7.94 8.08 12.30
N VAL B 93 -8.90 8.71 12.97
CA VAL B 93 -10.20 8.11 13.14
C VAL B 93 -11.17 8.86 12.23
N CYS B 94 -11.62 8.17 11.18
CA CYS B 94 -12.56 8.72 10.22
C CYS B 94 -13.94 8.65 10.81
N SER B 95 -14.31 7.47 11.29
CA SER B 95 -15.64 7.21 11.84
C SER B 95 -16.73 7.92 11.02
N ASN B 96 -16.91 7.46 9.79
CA ASN B 96 -17.84 8.05 8.81
C ASN B 96 -17.55 9.50 8.43
N THR B 97 -16.45 9.72 7.71
CA THR B 97 -16.11 11.03 7.18
C THR B 97 -16.36 11.06 5.67
N LYS B 98 -16.88 12.18 5.18
CA LYS B 98 -17.21 12.32 3.77
C LYS B 98 -16.23 13.21 3.04
N PHE B 99 -15.34 12.59 2.27
CA PHE B 99 -14.48 13.30 1.36
C PHE B 99 -15.12 13.26 -0.02
N SER B 100 -15.58 14.42 -0.49
CA SER B 100 -16.29 14.51 -1.75
C SER B 100 -15.56 15.45 -2.69
N ASN B 101 -15.58 15.12 -3.98
CA ASN B 101 -14.88 15.90 -4.99
C ASN B 101 -13.55 16.42 -4.45
N SER B 102 -12.57 15.54 -4.39
CA SER B 102 -11.28 15.90 -3.81
C SER B 102 -10.12 15.16 -4.44
N ASP B 103 -8.99 15.85 -4.55
CA ASP B 103 -7.75 15.20 -4.87
C ASP B 103 -7.16 14.66 -3.59
N ASN B 105 -4.85 12.03 -3.95
CA ASN B 105 -3.80 11.22 -4.54
C ASN B 105 -2.58 11.16 -3.64
N GLU B 106 -1.83 10.06 -3.74
CA GLU B 106 -0.56 9.90 -3.01
C GLU B 106 -0.69 10.29 -1.54
N VAL B 107 -1.55 9.57 -0.82
CA VAL B 107 -1.78 9.81 0.61
C VAL B 107 -1.71 8.49 1.36
N PHE B 108 -1.18 8.53 2.59
CA PHE B 108 -1.15 7.36 3.46
C PHE B 108 -2.39 7.36 4.34
N LEU B 109 -3.36 6.52 3.97
CA LEU B 109 -4.68 6.51 4.61
C LEU B 109 -5.01 5.19 5.31
N GLN B 110 -4.08 4.70 6.11
CA GLN B 110 -4.35 3.55 6.97
C GLN B 110 -4.82 4.08 8.31
N TYR B 111 -6.08 4.50 8.34
CA TYR B 111 -6.67 5.12 9.52
C TYR B 111 -6.73 4.13 10.67
N SER B 112 -6.91 4.63 11.88
CA SER B 112 -6.89 3.79 13.07
C SER B 112 -8.00 2.77 13.03
N ILE B 113 -7.71 1.59 13.56
CA ILE B 113 -8.68 0.52 13.66
C ILE B 113 -9.89 0.96 14.48
N THR B 114 -9.65 1.83 15.46
CA THR B 114 -10.73 2.35 16.31
C THR B 114 -11.80 3.15 15.55
N THR B 115 -11.55 3.42 14.27
CA THR B 115 -12.52 4.05 13.38
C THR B 115 -13.83 3.24 13.33
N GLN B 116 -14.96 3.94 13.34
CA GLN B 116 -16.28 3.29 13.36
C GLN B 116 -16.78 2.92 11.96
N GLN B 117 -17.79 3.66 11.48
CA GLN B 117 -18.32 3.49 10.14
C GLN B 117 -17.29 3.96 9.12
N GLN B 118 -17.07 3.16 8.08
CA GLN B 118 -16.05 3.46 7.07
C GLN B 118 -16.33 4.78 6.35
N PRO B 119 -15.27 5.55 6.04
CA PRO B 119 -15.41 6.81 5.32
C PRO B 119 -15.80 6.61 3.86
N SER B 120 -16.39 7.64 3.27
CA SER B 120 -16.87 7.59 1.90
C SER B 120 -16.16 8.60 1.01
N PHE B 121 -15.87 8.19 -0.22
CA PHE B 121 -15.17 9.02 -1.18
C PHE B 121 -16.01 9.18 -2.44
N ILE B 122 -17.01 10.05 -2.38
CA ILE B 122 -17.81 10.39 -3.55
C ILE B 122 -17.05 11.36 -4.47
N ASP B 123 -16.83 10.93 -5.71
CA ASP B 123 -16.21 11.76 -6.77
C ASP B 123 -14.85 12.35 -6.42
N THR B 124 -13.96 11.49 -5.95
CA THR B 124 -12.58 11.87 -5.66
C THR B 124 -11.62 10.77 -6.09
N THR B 125 -10.32 11.11 -6.17
CA THR B 125 -9.31 10.18 -6.66
C THR B 125 -8.34 9.75 -5.57
N LEU B 126 -7.75 8.57 -5.75
CA LEU B 126 -6.76 8.05 -4.80
C LEU B 126 -5.53 7.43 -5.52
N LYS B 127 -5.08 8.08 -6.60
CA LYS B 127 -3.93 7.61 -7.38
C LYS B 127 -2.77 7.32 -6.46
N ASN B 128 -2.27 6.08 -6.51
CA ASN B 128 -1.21 5.62 -5.61
C ASN B 128 -1.42 5.98 -4.13
N THR B 129 -2.64 5.83 -3.63
CA THR B 129 -2.94 6.10 -2.21
C THR B 129 -3.27 4.84 -1.44
N LEU B 130 -2.63 4.68 -0.29
CA LEU B 130 -2.78 3.48 0.52
C LEU B 130 -3.88 3.74 1.50
N ILE B 131 -4.99 3.00 1.36
CA ILE B 131 -6.07 3.02 2.33
C ILE B 131 -6.20 1.70 3.05
N ARG B 132 -6.83 1.75 4.22
CA ARG B 132 -7.34 0.56 4.89
C ARG B 132 -8.37 -0.10 3.97
N HIS B 133 -8.67 -1.36 4.25
CA HIS B 133 -9.45 -2.21 3.34
C HIS B 133 -10.97 -2.08 3.56
N LYS B 134 -11.39 -1.00 4.21
CA LYS B 134 -12.78 -0.77 4.52
C LYS B 134 -13.12 0.65 4.13
N ALA B 135 -13.87 0.80 3.05
CA ALA B 135 -14.23 2.13 2.56
C ALA B 135 -15.37 2.04 1.58
N ASN B 136 -16.22 3.05 1.57
CA ASN B 136 -17.25 3.15 0.54
C ASN B 136 -16.63 3.76 -0.70
N LEU B 137 -16.28 2.90 -1.65
CA LEU B 137 -15.61 3.34 -2.85
C LEU B 137 -16.63 3.40 -4.01
N SER B 138 -17.87 3.76 -3.65
CA SER B 138 -18.94 3.90 -4.62
C SER B 138 -18.95 5.28 -5.29
N GLY B 139 -17.84 5.99 -5.18
CA GLY B 139 -17.72 7.29 -5.82
C GLY B 139 -16.33 7.51 -6.35
N VAL B 140 -15.40 6.60 -6.02
CA VAL B 140 -14.03 6.78 -6.45
C VAL B 140 -13.93 6.80 -7.96
N ILE B 141 -13.17 7.78 -8.45
CA ILE B 141 -12.80 7.85 -9.83
C ILE B 141 -11.50 7.09 -9.97
N LEU B 142 -11.54 5.98 -10.69
CA LEU B 142 -10.33 5.22 -10.97
C LEU B 142 -9.61 5.69 -12.23
N ASN B 143 -8.31 5.40 -12.28
CA ASN B 143 -7.48 5.68 -13.44
C ASN B 143 -6.45 4.60 -13.61
N GLU B 144 -5.92 4.46 -14.83
CA GLU B 144 -4.88 3.48 -15.09
C GLU B 144 -3.78 3.60 -14.06
N PRO B 145 -3.30 2.46 -13.53
CA PRO B 145 -2.20 2.52 -12.59
C PRO B 145 -0.90 2.84 -13.33
N ASP B 146 -0.03 3.65 -12.73
CA ASP B 146 1.25 3.95 -13.35
C ASP B 146 2.23 2.80 -13.10
N ASN B 147 3.50 3.14 -12.94
CA ASN B 147 4.55 2.16 -12.70
C ASN B 147 5.05 2.18 -11.25
N SER B 148 4.70 3.24 -10.52
CA SER B 148 5.11 3.46 -9.12
C SER B 148 5.18 2.19 -8.29
N SER B 149 6.24 2.06 -7.50
CA SER B 149 6.40 0.91 -6.62
C SER B 149 5.51 1.11 -5.41
N PRO B 150 5.01 0.00 -4.83
CA PRO B 150 4.07 0.04 -3.70
C PRO B 150 4.56 0.96 -2.59
N PRO B 151 3.65 1.44 -1.73
CA PRO B 151 4.06 2.36 -0.67
C PRO B 151 5.26 1.85 0.11
N SER B 152 6.03 2.77 0.69
CA SER B 152 7.19 2.38 1.47
C SER B 152 6.86 2.31 2.95
N VAL B 153 6.09 1.28 3.32
CA VAL B 153 5.64 1.09 4.70
C VAL B 153 6.69 0.30 5.48
N SER B 154 6.56 0.30 6.81
CA SER B 154 7.45 -0.48 7.68
C SER B 154 7.16 -1.99 7.63
N GLY B 155 6.03 -2.42 8.19
CA GLY B 155 5.74 -3.85 8.38
C GLY B 155 5.26 -4.57 7.14
N GLY B 156 5.41 -5.89 7.14
CA GLY B 156 5.11 -6.73 5.97
C GLY B 156 3.64 -6.85 5.60
N GLY B 157 3.34 -7.79 4.71
CA GLY B 157 2.04 -7.84 4.06
C GLY B 157 2.10 -7.07 2.75
N ASN B 158 2.21 -7.80 1.65
CA ASN B 158 2.27 -7.21 0.32
C ASN B 158 0.96 -6.56 -0.11
N PHE B 159 0.95 -5.95 -1.29
CA PHE B 159 -0.16 -5.12 -1.69
C PHE B 159 -0.80 -5.62 -2.97
N ILE B 160 -2.13 -5.69 -2.97
CA ILE B 160 -2.89 -5.78 -4.19
C ILE B 160 -3.09 -4.35 -4.72
N ARG B 161 -3.43 -4.22 -6.00
CA ARG B 161 -3.80 -2.93 -6.55
C ARG B 161 -5.30 -2.96 -6.83
N LEU B 162 -6.05 -2.05 -6.21
CA LEU B 162 -7.49 -1.93 -6.46
C LEU B 162 -7.71 -0.86 -7.52
N GLY B 163 -7.39 -1.22 -8.76
CA GLY B 163 -7.37 -0.27 -9.85
C GLY B 163 -6.20 0.67 -9.71
N ASP B 164 -6.48 1.85 -9.18
CA ASP B 164 -5.50 2.94 -9.05
C ASP B 164 -5.03 3.01 -7.60
N ILE B 165 -5.80 2.35 -6.73
CA ILE B 165 -5.66 2.48 -5.28
C ILE B 165 -4.84 1.33 -4.68
N TRP B 166 -3.89 1.65 -3.82
CA TRP B 166 -3.11 0.64 -3.10
C TRP B 166 -3.87 0.10 -1.89
N LEU B 167 -3.84 -1.22 -1.72
CA LEU B 167 -4.41 -1.87 -0.55
C LEU B 167 -3.48 -2.96 -0.01
N GLN B 168 -3.23 -2.94 1.30
CA GLN B 168 -2.29 -3.87 1.92
C GLN B 168 -2.93 -5.17 2.43
N PRO B 170 -2.80 -8.78 4.67
CA PRO B 170 -2.18 -9.13 5.94
C PRO B 170 -0.92 -9.94 5.69
N LEU B 171 0.01 -9.91 6.65
CA LEU B 171 1.21 -10.71 6.57
C LEU B 171 0.91 -12.19 6.78
N LEU B 172 -0.15 -12.49 7.51
CA LEU B 172 -0.38 -13.82 8.01
C LEU B 172 -1.87 -13.98 8.30
N TRP B 173 -2.52 -14.88 7.58
CA TRP B 173 -3.97 -15.00 7.67
C TRP B 173 -4.44 -15.62 8.96
N THR B 174 -4.09 -14.99 10.07
CA THR B 174 -4.56 -15.40 11.38
C THR B 174 -6.06 -15.28 11.43
N GLU B 175 -6.66 -15.90 12.44
CA GLU B 175 -8.09 -15.80 12.68
C GLU B 175 -8.55 -14.33 12.79
N ASN B 176 -7.89 -13.53 13.62
CA ASN B 176 -8.17 -12.09 13.66
C ASN B 176 -8.17 -11.47 12.26
N ALA B 177 -7.16 -11.85 11.47
CA ALA B 177 -7.00 -11.31 10.12
C ALA B 177 -8.14 -11.73 9.21
N VAL B 178 -8.64 -12.95 9.40
CA VAL B 178 -9.74 -13.45 8.59
C VAL B 178 -10.99 -12.62 8.88
N ASP B 179 -11.26 -12.43 10.17
CA ASP B 179 -12.43 -11.71 10.64
C ASP B 179 -12.43 -10.30 10.10
N GLY B 180 -11.28 -9.62 10.24
CA GLY B 180 -11.20 -8.19 9.91
C GLY B 180 -11.06 -7.89 8.43
N PHE B 181 -10.93 -8.93 7.61
CA PHE B 181 -10.78 -8.73 6.18
C PHE B 181 -11.96 -9.24 5.36
N LEU B 182 -12.51 -10.39 5.73
CA LEU B 182 -13.54 -11.02 4.91
C LEU B 182 -14.91 -11.02 5.57
N ASN B 183 -14.95 -11.02 6.89
CA ASN B 183 -16.19 -11.26 7.59
C ASN B 183 -17.05 -10.00 7.77
N HIS B 184 -17.82 -9.66 6.75
CA HIS B 184 -18.77 -8.54 6.88
C HIS B 184 -20.06 -8.92 7.62
N GLU B 185 -20.47 -10.18 7.48
CA GLU B 185 -21.64 -10.64 8.19
C GLU B 185 -21.48 -10.28 9.68
N HIS B 186 -20.32 -10.59 10.25
CA HIS B 186 -20.05 -10.29 11.65
C HIS B 186 -19.79 -8.78 11.87
N ASN B 187 -18.88 -8.21 11.09
CA ASN B 187 -18.44 -6.84 11.32
C ASN B 187 -19.32 -5.77 10.68
N ASN B 188 -20.61 -5.81 11.00
CA ASN B 188 -21.56 -4.78 10.57
C ASN B 188 -21.43 -4.40 9.09
N GLY B 189 -21.46 -5.42 8.23
CA GLY B 189 -21.44 -5.22 6.78
C GLY B 189 -20.25 -4.41 6.34
N LYS B 190 -19.06 -4.92 6.62
CA LYS B 190 -17.83 -4.15 6.45
C LYS B 190 -16.68 -5.12 6.29
N SER B 191 -16.02 -5.06 5.14
CA SER B 191 -14.92 -5.96 4.81
C SER B 191 -14.39 -5.63 3.44
N ILE B 192 -13.24 -6.23 3.11
CA ILE B 192 -12.53 -5.91 1.87
C ILE B 192 -13.34 -6.38 0.66
N LEU B 193 -13.99 -7.52 0.80
CA LEU B 193 -14.87 -8.01 -0.24
C LEU B 193 -15.88 -6.94 -0.58
N THR B 195 -15.73 -3.68 0.29
CA THR B 195 -15.10 -2.42 -0.08
C THR B 195 -14.84 -2.41 -1.58
N ILE B 196 -14.05 -3.37 -2.05
CA ILE B 196 -14.05 -3.71 -3.46
C ILE B 196 -15.49 -4.08 -3.74
N ASP B 197 -16.02 -3.67 -4.89
CA ASP B 197 -17.39 -4.08 -5.30
C ASP B 197 -18.45 -3.02 -5.01
N SER B 198 -18.11 -2.00 -4.23
CA SER B 198 -18.99 -0.84 -4.15
C SER B 198 -18.62 0.12 -5.28
N LEU B 199 -17.43 -0.09 -5.84
CA LEU B 199 -17.02 0.57 -7.08
C LEU B 199 -18.15 0.58 -8.11
N PRO B 200 -18.37 1.74 -8.76
CA PRO B 200 -19.32 1.76 -9.86
C PRO B 200 -19.02 0.62 -10.82
N ASP B 201 -20.07 0.01 -11.35
CA ASP B 201 -19.95 -1.22 -12.15
C ASP B 201 -19.08 -1.03 -13.41
N LYS B 202 -18.85 0.23 -13.79
CA LYS B 202 -18.00 0.54 -14.94
C LYS B 202 -16.56 0.08 -14.75
N TYR B 203 -16.16 -0.06 -13.49
CA TYR B 203 -14.81 -0.53 -13.14
C TYR B 203 -14.82 -2.04 -12.83
N SER B 204 -15.53 -2.81 -13.66
CA SER B 204 -15.67 -4.26 -13.48
C SER B 204 -14.34 -5.01 -13.45
N GLN B 205 -13.48 -4.77 -14.44
CA GLN B 205 -12.24 -5.53 -14.61
C GLN B 205 -11.28 -5.34 -13.44
N GLU B 206 -11.17 -4.11 -12.95
CA GLU B 206 -10.32 -3.82 -11.79
C GLU B 206 -10.81 -4.56 -10.54
N LYS B 207 -12.12 -4.51 -10.30
CA LYS B 207 -12.73 -5.33 -9.26
C LYS B 207 -12.32 -6.79 -9.42
N VAL B 208 -12.43 -7.29 -10.66
CA VAL B 208 -12.19 -8.68 -10.97
C VAL B 208 -10.71 -9.04 -10.87
N GLN B 209 -9.85 -8.01 -10.88
CA GLN B 209 -8.42 -8.18 -10.66
C GLN B 209 -8.08 -8.18 -9.18
N ALA B 210 -8.67 -7.24 -8.45
CA ALA B 210 -8.37 -7.07 -7.04
C ALA B 210 -8.76 -8.31 -6.23
N GLU B 212 -9.00 -11.19 -7.47
CA GLU B 212 -8.12 -12.24 -7.97
C GLU B 212 -6.83 -12.26 -7.20
N ASP B 213 -6.29 -11.08 -6.93
CA ASP B 213 -5.11 -10.94 -6.13
C ASP B 213 -5.39 -11.28 -4.66
N LEU B 214 -6.60 -10.97 -4.20
CA LEU B 214 -7.05 -11.38 -2.88
C LEU B 214 -7.13 -12.90 -2.80
N VAL B 215 -7.81 -13.53 -3.77
CA VAL B 215 -7.85 -14.98 -3.88
C VAL B 215 -6.44 -15.57 -3.94
N LYS B 216 -5.59 -14.98 -4.79
CA LYS B 216 -4.20 -15.39 -4.91
C LYS B 216 -3.55 -15.50 -3.54
N SER B 217 -3.61 -14.41 -2.78
CA SER B 217 -3.05 -14.36 -1.43
C SER B 217 -3.64 -15.46 -0.56
N LEU B 218 -4.96 -15.48 -0.47
CA LEU B 218 -5.66 -16.49 0.34
C LEU B 218 -5.29 -17.92 -0.03
N ARG B 219 -5.15 -18.19 -1.33
CA ARG B 219 -4.72 -19.51 -1.79
C ARG B 219 -3.38 -19.87 -1.15
N GLY B 220 -2.41 -18.95 -1.24
CA GLY B 220 -1.18 -19.06 -0.47
C GLY B 220 -1.48 -18.98 1.02
N GLY B 221 -0.49 -19.23 1.86
CA GLY B 221 -0.71 -19.35 3.30
C GLY B 221 -1.92 -20.24 3.57
N ARG B 222 -1.82 -21.50 3.12
CA ARG B 222 -2.95 -22.44 3.11
C ARG B 222 -3.76 -22.46 4.41
N LEU B 223 -5.08 -22.44 4.28
CA LEU B 223 -5.94 -22.41 5.46
C LEU B 223 -6.80 -23.66 5.58
N THR B 224 -6.82 -24.21 6.79
CA THR B 224 -7.67 -25.33 7.13
C THR B 224 -9.12 -25.00 6.84
N GLU B 225 -9.93 -26.01 6.59
CA GLU B 225 -11.34 -25.82 6.24
C GLU B 225 -12.12 -25.07 7.33
N ALA B 226 -11.60 -25.09 8.56
CA ALA B 226 -12.24 -24.42 9.68
C ALA B 226 -11.71 -23.00 9.94
N CYS B 227 -10.46 -22.74 9.56
CA CYS B 227 -9.91 -21.38 9.66
C CYS B 227 -10.74 -20.45 8.78
N ILE B 228 -11.40 -21.05 7.79
CA ILE B 228 -12.10 -20.31 6.75
C ILE B 228 -13.61 -20.57 6.83
N ARG B 229 -14.01 -21.52 7.68
CA ARG B 229 -15.43 -21.84 7.83
C ARG B 229 -16.32 -20.64 8.17
N PRO B 230 -15.93 -19.82 9.18
CA PRO B 230 -16.85 -18.80 9.69
C PRO B 230 -17.11 -17.74 8.65
N VAL B 231 -16.51 -17.90 7.48
CA VAL B 231 -16.48 -16.84 6.49
C VAL B 231 -16.88 -17.32 5.08
N GLU B 232 -17.22 -18.60 4.94
CA GLU B 232 -17.69 -19.14 3.66
C GLU B 232 -18.86 -18.33 3.15
N SER B 233 -19.88 -18.16 4.00
CA SER B 233 -21.03 -17.34 3.65
C SER B 233 -20.58 -15.96 3.16
N SER B 234 -19.83 -15.24 4.00
CA SER B 234 -19.37 -13.90 3.66
C SER B 234 -18.60 -13.88 2.36
N LEU B 235 -17.78 -14.90 2.14
CA LEU B 235 -17.05 -15.01 0.89
C LEU B 235 -18.06 -15.19 -0.24
N VAL B 236 -18.84 -16.26 -0.14
CA VAL B 236 -19.74 -16.67 -1.22
C VAL B 236 -20.74 -15.56 -1.58
N SER B 237 -20.98 -14.66 -0.63
CA SER B 237 -22.00 -13.64 -0.79
C SER B 237 -21.55 -12.54 -1.71
N VAL B 238 -20.33 -12.67 -2.22
CA VAL B 238 -19.75 -11.66 -3.10
C VAL B 238 -19.13 -12.31 -4.34
N LEU B 239 -18.36 -13.38 -4.13
CA LEU B 239 -17.53 -13.95 -5.19
C LEU B 239 -18.25 -14.99 -6.07
N ALA B 240 -19.43 -15.43 -5.63
CA ALA B 240 -20.19 -16.41 -6.39
C ALA B 240 -21.17 -15.74 -7.35
N HIS B 241 -20.71 -14.64 -7.97
CA HIS B 241 -21.56 -13.85 -8.86
C HIS B 241 -20.83 -13.47 -10.16
N PRO B 242 -21.59 -13.32 -11.26
CA PRO B 242 -21.04 -13.12 -12.60
C PRO B 242 -20.06 -11.94 -12.76
N PRO B 243 -20.14 -10.92 -11.88
CA PRO B 243 -19.05 -9.94 -11.94
C PRO B 243 -17.72 -10.63 -11.73
N TYR B 244 -17.74 -11.72 -10.94
CA TYR B 244 -16.52 -12.38 -10.47
C TYR B 244 -16.41 -13.85 -10.92
N THR B 245 -17.45 -14.33 -11.59
CA THR B 245 -17.63 -15.78 -11.80
C THR B 245 -16.83 -16.39 -12.98
N GLN B 246 -16.23 -15.53 -13.80
CA GLN B 246 -15.49 -16.00 -14.99
C GLN B 246 -13.99 -16.12 -14.74
N SER B 247 -13.54 -15.60 -13.59
CA SER B 247 -12.16 -15.75 -13.19
C SER B 247 -11.84 -17.21 -12.98
N ALA B 248 -11.21 -17.83 -13.98
CA ALA B 248 -10.70 -19.19 -13.88
C ALA B 248 -9.93 -19.35 -12.58
N LEU B 249 -9.13 -18.32 -12.27
CA LEU B 249 -8.40 -18.23 -11.02
C LEU B 249 -9.30 -18.46 -9.79
N ILE B 250 -10.30 -17.59 -9.58
CA ILE B 250 -11.05 -17.57 -8.33
C ILE B 250 -12.07 -18.69 -8.23
N SER B 251 -12.71 -18.99 -9.34
CA SER B 251 -13.82 -19.93 -9.38
C SER B 251 -13.33 -21.36 -9.21
N GLU B 252 -12.05 -21.58 -9.52
CA GLU B 252 -11.39 -22.83 -9.20
C GLU B 252 -11.06 -22.88 -7.72
N TRP B 253 -10.64 -21.75 -7.16
CA TRP B 253 -10.37 -21.66 -5.72
C TRP B 253 -11.66 -21.62 -4.92
N LEU B 254 -12.62 -20.81 -5.39
CA LEU B 254 -13.90 -20.68 -4.67
C LEU B 254 -14.70 -21.96 -4.68
N GLY B 255 -14.55 -22.76 -5.74
CA GLY B 255 -15.27 -24.03 -5.91
C GLY B 255 -15.51 -24.78 -4.61
N PRO B 256 -14.46 -25.47 -4.10
CA PRO B 256 -14.54 -26.24 -2.88
C PRO B 256 -15.29 -25.49 -1.77
N VAL B 257 -14.98 -24.21 -1.61
CA VAL B 257 -15.58 -23.39 -0.57
C VAL B 257 -17.09 -23.36 -0.71
N GLN B 258 -17.57 -23.12 -1.93
CA GLN B 258 -19.00 -23.05 -2.15
C GLN B 258 -19.69 -24.38 -1.82
N GLU B 259 -18.95 -25.49 -2.01
CA GLU B 259 -19.46 -26.81 -1.69
C GLU B 259 -19.60 -27.00 -0.18
N ARG B 260 -18.66 -26.44 0.58
CA ARG B 260 -18.73 -26.51 2.04
C ARG B 260 -19.86 -25.63 2.57
N PHE B 261 -19.90 -24.39 2.12
CA PHE B 261 -20.98 -23.48 2.47
C PHE B 261 -22.30 -24.18 2.29
N PHE B 262 -22.40 -24.90 1.18
CA PHE B 262 -23.61 -25.60 0.79
C PHE B 262 -23.96 -26.71 1.76
N ALA B 263 -22.99 -27.61 1.97
CA ALA B 263 -23.13 -28.73 2.90
C ALA B 263 -23.62 -28.28 4.27
N HIS B 264 -22.97 -27.24 4.81
CA HIS B 264 -23.36 -26.69 6.11
C HIS B 264 -24.82 -26.25 6.13
N GLN B 265 -25.24 -25.47 5.14
CA GLN B 265 -26.64 -25.10 5.02
C GLN B 265 -27.58 -26.30 4.94
N CYS B 266 -27.18 -27.35 4.24
CA CYS B 266 -27.93 -28.61 4.27
C CYS B 266 -27.93 -29.17 5.69
N GLN B 267 -26.73 -29.24 6.28
CA GLN B 267 -26.54 -29.75 7.64
C GLN B 267 -27.38 -29.01 8.68
N THR B 268 -27.48 -27.70 8.53
CA THR B 268 -28.10 -26.86 9.56
C THR B 268 -29.58 -26.65 9.32
N TYR B 269 -29.94 -26.27 8.10
CA TYR B 269 -31.26 -25.70 7.85
C TYR B 269 -32.23 -26.59 7.07
N ASN B 270 -31.83 -27.83 6.82
CA ASN B 270 -32.75 -28.79 6.22
C ASN B 270 -33.90 -29.03 7.15
N ASP B 271 -33.59 -29.18 8.45
CA ASP B 271 -34.60 -29.52 9.46
C ASP B 271 -34.95 -28.34 10.34
N VAL B 272 -34.62 -27.15 9.87
CA VAL B 272 -34.76 -25.92 10.66
C VAL B 272 -35.11 -24.75 9.73
N PRO B 273 -36.06 -23.90 10.15
CA PRO B 273 -36.41 -22.66 9.41
C PRO B 273 -35.26 -21.64 9.29
N LEU B 274 -34.98 -21.20 8.07
CA LEU B 274 -34.07 -20.06 7.85
C LEU B 274 -34.82 -18.78 8.19
N PRO B 275 -34.21 -17.92 9.02
CA PRO B 275 -34.93 -16.71 9.47
C PRO B 275 -35.38 -15.87 8.27
N ALA B 276 -36.37 -15.00 8.49
CA ALA B 276 -36.94 -14.18 7.42
C ALA B 276 -35.84 -13.53 6.60
N PRO B 277 -35.59 -14.05 5.38
CA PRO B 277 -34.48 -13.58 4.55
C PRO B 277 -34.55 -12.09 4.37
N ASP B 278 -33.40 -11.45 4.28
CA ASP B 278 -33.35 -10.00 4.18
C ASP B 278 -32.77 -9.53 2.86
N THR B 279 -32.87 -8.22 2.61
CA THR B 279 -32.27 -7.58 1.45
C THR B 279 -30.92 -8.24 1.15
N TYR B 280 -30.11 -8.42 2.19
CA TYR B 280 -28.82 -9.08 2.07
C TYR B 280 -28.95 -10.55 1.59
N TYR B 281 -29.75 -11.35 2.32
CA TYR B 281 -29.87 -12.79 2.07
C TYR B 281 -30.44 -13.11 0.68
N GLN B 282 -31.38 -12.28 0.22
CA GLN B 282 -32.05 -12.51 -1.05
C GLN B 282 -31.15 -12.21 -2.25
N GLN B 283 -30.38 -11.13 -2.15
CA GLN B 283 -29.55 -10.67 -3.25
C GLN B 283 -28.28 -11.48 -3.38
N ARG B 284 -27.61 -11.73 -2.26
CA ARG B 284 -26.25 -12.25 -2.31
C ARG B 284 -26.16 -13.74 -2.02
N ILE B 285 -26.86 -14.20 -1.00
CA ILE B 285 -26.73 -15.60 -0.62
C ILE B 285 -27.71 -16.48 -1.37
N LEU B 286 -28.99 -16.13 -1.26
CA LEU B 286 -30.06 -16.93 -1.85
C LEU B 286 -29.66 -17.60 -3.16
N PRO B 287 -29.18 -16.79 -4.16
CA PRO B 287 -28.83 -17.32 -5.47
C PRO B 287 -27.62 -18.25 -5.51
N VAL B 288 -26.89 -18.39 -4.40
CA VAL B 288 -25.79 -19.36 -4.39
C VAL B 288 -26.34 -20.77 -4.16
N LEU B 289 -27.16 -20.91 -3.14
CA LEU B 289 -27.87 -22.14 -2.86
C LEU B 289 -28.46 -22.72 -4.17
N LEU B 290 -28.81 -21.81 -5.10
CA LEU B 290 -29.39 -22.16 -6.39
C LEU B 290 -28.41 -22.89 -7.30
N ASP B 291 -27.23 -22.30 -7.44
CA ASP B 291 -26.21 -22.84 -8.31
C ASP B 291 -25.58 -24.10 -7.72
N SER B 292 -25.50 -24.16 -6.39
CA SER B 292 -24.96 -25.32 -5.69
C SER B 292 -25.88 -26.51 -5.87
N PHE B 293 -27.19 -26.27 -5.68
CA PHE B 293 -28.21 -27.29 -5.94
C PHE B 293 -28.10 -27.81 -7.38
N ASP B 294 -27.64 -26.96 -8.29
CA ASP B 294 -27.56 -27.29 -9.69
C ASP B 294 -26.36 -28.18 -9.99
N ARG B 295 -25.20 -27.82 -9.43
CA ARG B 295 -23.97 -28.61 -9.53
C ARG B 295 -24.07 -29.97 -8.81
N ASN B 296 -25.11 -30.10 -7.98
CA ASN B 296 -25.32 -31.30 -7.18
C ASN B 296 -26.79 -31.63 -7.15
N SER B 297 -27.29 -32.16 -8.26
CA SER B 297 -28.72 -32.32 -8.49
C SER B 297 -29.36 -33.34 -7.56
N ALA B 298 -28.58 -34.33 -7.14
CA ALA B 298 -29.07 -35.37 -6.21
C ALA B 298 -29.52 -34.74 -4.89
N ALA B 299 -28.74 -33.77 -4.41
CA ALA B 299 -29.01 -33.07 -3.15
C ALA B 299 -30.39 -32.42 -3.10
N THR B 301 -33.19 -33.68 -3.91
CA THR B 301 -34.12 -34.63 -3.31
C THR B 301 -33.67 -35.01 -1.90
N THR B 302 -32.38 -35.35 -1.77
CA THR B 302 -31.84 -35.77 -0.48
C THR B 302 -32.03 -34.70 0.59
N HIS B 303 -32.36 -33.47 0.18
CA HIS B 303 -32.61 -32.37 1.11
C HIS B 303 -33.83 -31.54 0.73
N SER B 304 -34.95 -32.24 0.55
CA SER B 304 -36.23 -31.59 0.25
C SER B 304 -36.52 -30.42 1.18
N GLY B 305 -36.28 -30.63 2.46
CA GLY B 305 -36.43 -29.56 3.44
C GLY B 305 -35.79 -28.27 2.96
N LEU B 306 -34.54 -28.36 2.48
CA LEU B 306 -33.81 -27.19 2.01
C LEU B 306 -34.21 -26.75 0.58
N PHE B 307 -34.34 -27.70 -0.35
CA PHE B 307 -34.68 -27.33 -1.74
C PHE B 307 -35.95 -26.46 -1.75
N ASN B 308 -36.91 -26.82 -0.91
CA ASN B 308 -38.17 -26.07 -0.75
C ASN B 308 -37.98 -24.77 0.02
N GLN B 309 -36.95 -24.70 0.85
CA GLN B 309 -36.68 -23.52 1.64
C GLN B 309 -36.30 -22.39 0.69
N VAL B 310 -35.24 -22.64 -0.06
CA VAL B 310 -34.73 -21.69 -1.02
C VAL B 310 -35.84 -21.33 -2.02
N ILE B 311 -36.48 -22.35 -2.59
CA ILE B 311 -37.40 -22.20 -3.74
C ILE B 311 -38.52 -21.20 -3.52
N LEU B 312 -39.06 -21.12 -2.32
CA LEU B 312 -40.11 -20.15 -2.06
C LEU B 312 -39.58 -18.74 -1.88
N HIS B 313 -38.44 -18.61 -1.22
CA HIS B 313 -37.86 -17.27 -1.00
C HIS B 313 -37.26 -16.79 -2.31
N CYS B 314 -37.13 -17.74 -3.24
CA CYS B 314 -36.69 -17.48 -4.61
C CYS B 314 -37.86 -17.14 -5.52
N THR B 316 -40.91 -15.91 -4.01
CA THR B 316 -41.79 -15.03 -3.23
C THR B 316 -41.03 -13.90 -2.54
N GLY B 317 -39.72 -13.84 -2.76
CA GLY B 317 -38.90 -12.80 -2.17
C GLY B 317 -38.94 -11.50 -2.95
N VAL B 318 -39.07 -10.37 -2.22
CA VAL B 318 -39.17 -9.04 -2.83
C VAL B 318 -37.91 -8.68 -3.62
N ASP B 319 -36.79 -8.57 -2.91
CA ASP B 319 -35.55 -8.09 -3.49
C ASP B 319 -34.81 -9.18 -4.26
N CYS B 320 -35.47 -10.33 -4.39
CA CYS B 320 -34.93 -11.46 -5.14
C CYS B 320 -34.95 -11.17 -6.63
N THR B 321 -36.16 -10.98 -7.17
CA THR B 321 -36.41 -10.87 -8.63
C THR B 321 -35.45 -11.75 -9.47
N ASP B 322 -35.04 -11.22 -10.62
CA ASP B 322 -33.92 -11.77 -11.37
C ASP B 322 -34.22 -13.09 -12.06
N GLY B 323 -33.18 -13.61 -12.75
CA GLY B 323 -33.13 -14.99 -13.18
C GLY B 323 -33.02 -15.97 -12.03
N THR B 324 -33.05 -15.46 -10.80
CA THR B 324 -33.20 -16.31 -9.62
C THR B 324 -34.55 -17.03 -9.67
N ARG B 325 -35.61 -16.28 -10.01
CA ARG B 325 -36.89 -16.88 -10.31
C ARG B 325 -36.72 -18.10 -11.18
N GLN B 326 -36.28 -17.86 -12.41
CA GLN B 326 -36.14 -18.90 -13.45
C GLN B 326 -35.08 -19.96 -13.14
N LYS B 327 -34.06 -19.60 -12.37
CA LYS B 327 -33.10 -20.57 -11.87
C LYS B 327 -33.82 -21.58 -10.97
N ALA B 328 -34.60 -21.07 -10.02
CA ALA B 328 -35.40 -21.89 -9.12
C ALA B 328 -36.58 -22.58 -9.83
N ALA B 329 -37.17 -21.86 -10.79
CA ALA B 329 -38.29 -22.36 -11.55
C ALA B 329 -37.88 -23.60 -12.33
N ALA B 330 -36.70 -23.55 -12.94
CA ALA B 330 -36.19 -24.66 -13.77
C ALA B 330 -35.84 -25.89 -12.92
N LEU B 331 -34.99 -25.68 -11.92
CA LEU B 331 -34.58 -26.72 -10.99
C LEU B 331 -35.76 -27.42 -10.28
N TYR B 332 -36.95 -26.81 -10.34
CA TYR B 332 -38.16 -27.43 -9.77
C TYR B 332 -38.83 -28.33 -10.77
N GLU B 333 -38.87 -27.91 -12.02
CA GLU B 333 -39.30 -28.81 -13.09
C GLU B 333 -38.44 -30.08 -13.07
N GLN B 334 -37.14 -29.89 -12.80
CA GLN B 334 -36.19 -30.99 -12.63
C GLN B 334 -36.48 -31.82 -11.39
N TYR B 335 -37.10 -31.21 -10.38
CA TYR B 335 -37.51 -31.92 -9.18
C TYR B 335 -38.81 -32.68 -9.42
N LEU B 336 -39.81 -31.96 -9.92
CA LEU B 336 -41.12 -32.54 -10.26
C LEU B 336 -40.95 -33.76 -11.15
N ALA B 337 -40.01 -33.69 -12.10
CA ALA B 337 -39.75 -34.77 -13.04
C ALA B 337 -38.90 -35.90 -12.45
N HIS B 338 -38.31 -35.67 -11.28
CA HIS B 338 -37.54 -36.70 -10.57
C HIS B 338 -38.39 -37.95 -10.30
N PRO B 339 -37.80 -39.15 -10.47
CA PRO B 339 -38.48 -40.43 -10.19
C PRO B 339 -39.05 -40.54 -8.77
N ALA B 340 -38.50 -39.78 -7.82
CA ALA B 340 -38.95 -39.81 -6.43
C ALA B 340 -40.03 -38.77 -6.14
N VAL B 341 -40.23 -37.86 -7.07
CA VAL B 341 -41.13 -36.72 -6.87
C VAL B 341 -42.31 -36.78 -7.82
N SER B 342 -42.07 -37.24 -9.05
CA SER B 342 -43.12 -37.36 -10.06
C SER B 342 -44.41 -38.06 -9.55
N PRO B 343 -44.24 -39.21 -8.85
CA PRO B 343 -45.35 -40.16 -8.56
C PRO B 343 -46.45 -39.70 -7.59
N HIS B 344 -46.29 -38.55 -6.96
CA HIS B 344 -47.37 -37.93 -6.19
C HIS B 344 -47.60 -36.51 -6.67
N ILE B 345 -46.96 -36.17 -7.79
CA ILE B 345 -47.06 -34.84 -8.38
C ILE B 345 -48.06 -34.84 -9.53
N HIS B 346 -48.05 -35.90 -10.32
CA HIS B 346 -48.83 -35.99 -11.55
C HIS B 346 -50.34 -36.04 -11.34
N ASN B 347 -50.78 -36.76 -10.30
CA ASN B 347 -52.20 -37.10 -10.16
C ASN B 347 -53.13 -35.93 -9.80
N GLY B 348 -53.24 -35.63 -8.50
CA GLY B 348 -54.17 -34.60 -8.03
C GLY B 348 -53.45 -33.38 -7.51
N LEU B 349 -53.30 -32.39 -8.37
CA LEU B 349 -52.74 -31.11 -7.97
C LEU B 349 -53.88 -30.14 -7.63
N PHE B 350 -54.95 -30.69 -7.04
CA PHE B 350 -56.15 -29.94 -6.59
C PHE B 350 -56.78 -28.98 -7.62
N GLY B 351 -57.63 -28.07 -7.14
CA GLY B 351 -58.16 -26.93 -7.92
C GLY B 351 -58.03 -27.00 -9.43
N ASN B 352 -56.82 -26.79 -9.94
CA ASN B 352 -56.57 -26.79 -11.39
C ASN B 352 -56.06 -28.13 -11.92
N TYR B 353 -54.98 -28.61 -11.33
CA TYR B 353 -53.84 -29.16 -12.08
C TYR B 353 -53.40 -28.11 -13.10
N ASP B 354 -52.46 -27.27 -12.68
CA ASP B 354 -51.96 -26.16 -13.47
C ASP B 354 -50.93 -26.67 -14.47
N GLY B 355 -50.96 -27.97 -14.72
CA GLY B 355 -49.74 -28.70 -15.02
C GLY B 355 -48.95 -28.67 -13.73
N SER B 356 -47.68 -28.29 -13.85
CA SER B 356 -46.88 -27.95 -12.68
C SER B 356 -45.81 -26.92 -13.01
N PRO B 357 -45.60 -25.96 -12.09
CA PRO B 357 -46.56 -25.53 -11.08
C PRO B 357 -47.43 -24.36 -11.55
N ASP B 358 -47.83 -23.50 -10.61
CA ASP B 358 -48.64 -22.33 -10.91
C ASP B 358 -48.16 -21.16 -10.06
N TRP B 359 -47.31 -20.32 -10.64
CA TRP B 359 -46.56 -19.33 -9.86
C TRP B 359 -47.28 -18.00 -9.64
N THR B 360 -48.39 -17.80 -10.35
CA THR B 360 -49.24 -16.62 -10.16
C THR B 360 -50.06 -16.74 -8.87
N THR B 361 -50.68 -17.90 -8.68
CA THR B 361 -51.53 -18.11 -7.52
C THR B 361 -50.71 -18.48 -6.28
N ARG B 362 -50.87 -17.68 -5.23
CA ARG B 362 -50.26 -17.96 -3.92
C ARG B 362 -51.24 -18.67 -2.98
N ALA B 363 -52.09 -19.52 -3.56
CA ALA B 363 -53.00 -20.35 -2.80
C ALA B 363 -52.99 -21.75 -3.36
N ALA B 364 -52.23 -21.94 -4.45
CA ALA B 364 -52.19 -23.21 -5.15
C ALA B 364 -51.14 -24.15 -4.59
N ASP B 365 -51.45 -25.44 -4.60
CA ASP B 365 -50.55 -26.49 -4.13
C ASP B 365 -49.37 -26.65 -5.11
N ASN B 366 -48.46 -25.68 -5.08
CA ASN B 366 -47.32 -25.65 -5.97
C ASN B 366 -46.06 -26.14 -5.23
N PHE B 367 -46.24 -26.57 -3.98
CA PHE B 367 -45.13 -27.08 -3.17
C PHE B 367 -45.38 -28.45 -2.58
N LEU B 368 -44.33 -29.26 -2.58
CA LEU B 368 -44.39 -30.64 -2.09
C LEU B 368 -43.05 -31.05 -1.47
N LEU B 369 -43.13 -31.82 -0.39
CA LEU B 369 -41.93 -32.23 0.34
C LEU B 369 -41.87 -33.75 0.52
N LEU B 370 -40.77 -34.23 1.10
CA LEU B 370 -40.57 -35.67 1.32
C LEU B 370 -40.50 -36.05 2.80
N SER B 371 -40.42 -37.35 3.07
CA SER B 371 -40.30 -37.85 4.43
C SER B 371 -38.89 -38.34 4.70
N SER B 372 -38.23 -37.74 5.68
CA SER B 372 -36.86 -38.08 6.05
C SER B 372 -36.58 -39.58 5.99
N GLN B 373 -37.44 -40.37 6.65
CA GLN B 373 -37.27 -41.83 6.72
C GLN B 373 -37.52 -42.52 5.38
N ASP B 374 -38.79 -42.58 4.97
CA ASP B 374 -39.16 -43.05 3.64
C ASP B 374 -40.11 -42.06 2.99
N SER B 375 -39.89 -41.79 1.71
CA SER B 375 -40.84 -41.03 0.90
C SER B 375 -42.19 -41.74 0.89
N ASP B 376 -42.69 -42.07 -0.30
CA ASP B 376 -43.99 -42.73 -0.42
C ASP B 376 -45.08 -42.02 0.37
N THR B 377 -44.68 -41.02 1.16
CA THR B 377 -45.59 -40.06 1.76
C THR B 377 -45.04 -38.66 1.51
N ALA B 378 -45.94 -37.68 1.54
CA ALA B 378 -45.58 -36.31 1.27
C ALA B 378 -46.62 -35.40 1.87
N LEU B 381 -48.72 -28.36 -0.33
CA LEU B 381 -49.03 -27.08 0.29
C LEU B 381 -48.85 -25.94 -0.69
N SER B 382 -49.47 -24.81 -0.36
CA SER B 382 -49.39 -23.62 -1.18
C SER B 382 -48.13 -22.84 -0.84
N THR B 383 -48.28 -21.52 -0.83
CA THR B 383 -47.37 -20.62 -0.16
C THR B 383 -48.22 -19.84 0.84
N ASP B 384 -47.58 -18.98 1.64
CA ASP B 384 -48.22 -18.35 2.78
C ASP B 384 -48.61 -19.41 3.82
N THR B 385 -48.72 -20.67 3.39
CA THR B 385 -48.82 -21.80 4.31
C THR B 385 -47.40 -22.28 4.61
N LEU B 386 -46.71 -22.76 3.59
CA LEU B 386 -45.28 -23.04 3.66
C LEU B 386 -44.55 -21.74 3.92
N LEU B 387 -45.22 -20.81 4.60
CA LEU B 387 -44.69 -19.47 4.85
C LEU B 387 -45.26 -18.87 6.12
N THR B 388 -45.90 -19.69 6.94
CA THR B 388 -46.27 -19.30 8.30
C THR B 388 -46.03 -20.48 9.23
N LEU B 390 -43.96 -22.13 8.52
CA LEU B 390 -42.50 -22.10 8.27
C LEU B 390 -41.79 -20.91 8.92
N ASN B 391 -42.55 -20.00 9.54
CA ASN B 391 -41.97 -18.95 10.38
C ASN B 391 -42.97 -18.39 11.41
N PRO B 392 -43.53 -19.27 12.26
CA PRO B 392 -44.69 -19.02 13.08
C PRO B 392 -45.05 -17.56 13.30
N THR B 393 -46.13 -17.13 12.66
CA THR B 393 -46.89 -15.98 13.14
C THR B 393 -47.51 -16.40 14.48
N PRO B 394 -47.69 -15.45 15.42
CA PRO B 394 -48.04 -15.77 16.81
C PRO B 394 -49.24 -16.71 16.94
N ASP B 395 -50.28 -16.50 16.11
CA ASP B 395 -51.48 -17.33 16.14
C ASP B 395 -51.74 -17.97 14.79
N THR B 396 -51.07 -19.08 14.51
CA THR B 396 -51.26 -19.82 13.26
C THR B 396 -51.40 -21.32 13.49
N ALA B 397 -52.63 -21.82 13.34
CA ALA B 397 -52.91 -23.26 13.31
C ALA B 397 -52.06 -23.89 12.20
N TRP B 398 -51.61 -25.12 12.43
CA TRP B 398 -50.43 -25.64 11.76
C TRP B 398 -50.66 -26.45 10.48
N ASP B 399 -50.93 -27.75 10.66
CA ASP B 399 -51.01 -28.68 9.52
C ASP B 399 -52.23 -28.41 8.65
N ASN B 400 -51.99 -27.89 7.45
CA ASN B 400 -53.08 -27.60 6.52
C ASN B 400 -53.70 -28.85 5.92
N PHE B 401 -53.05 -29.43 4.90
CA PHE B 401 -53.63 -30.60 4.26
C PHE B 401 -52.66 -31.46 3.46
N TYR B 402 -53.18 -32.61 3.02
CA TYR B 402 -52.61 -33.44 1.96
C TYR B 402 -51.36 -34.23 2.35
N LEU B 403 -51.56 -35.37 3.00
CA LEU B 403 -50.56 -36.42 3.01
C LEU B 403 -50.54 -37.05 1.62
N LEU B 404 -49.69 -38.04 1.40
CA LEU B 404 -49.62 -38.71 0.11
C LEU B 404 -48.79 -39.98 0.14
N ARG B 405 -49.45 -41.12 0.35
CA ARG B 405 -48.84 -42.43 0.17
C ARG B 405 -48.57 -42.68 -1.33
N ALA B 406 -48.99 -41.72 -2.15
CA ALA B 406 -48.94 -41.77 -3.61
C ALA B 406 -49.91 -40.74 -4.18
N GLY B 407 -50.81 -40.28 -3.33
CA GLY B 407 -51.89 -39.38 -3.73
C GLY B 407 -53.15 -39.66 -2.91
N GLU B 408 -53.14 -39.20 -1.66
CA GLU B 408 -54.26 -39.43 -0.76
C GLU B 408 -54.49 -38.25 0.18
N ASN B 409 -55.63 -37.61 0.03
CA ASN B 409 -56.02 -36.49 0.90
C ASN B 409 -56.76 -36.99 2.15
N VAL B 410 -56.08 -37.86 2.91
CA VAL B 410 -56.60 -38.35 4.18
C VAL B 410 -56.58 -37.23 5.22
N SER B 411 -57.71 -36.52 5.30
CA SER B 411 -57.79 -35.28 6.07
C SER B 411 -57.74 -35.50 7.58
N THR B 412 -56.63 -35.05 8.17
CA THR B 412 -56.44 -35.00 9.64
C THR B 412 -57.39 -35.85 10.51
N ALA B 413 -57.09 -37.15 10.60
CA ALA B 413 -57.48 -37.94 11.75
C ALA B 413 -56.24 -38.07 12.62
N GLN B 414 -55.23 -37.25 12.30
CA GLN B 414 -53.89 -37.35 12.87
C GLN B 414 -53.60 -36.28 13.92
N ILE B 415 -52.59 -36.55 14.75
CA ILE B 415 -52.19 -35.64 15.83
C ILE B 415 -51.62 -34.35 15.30
N SER B 416 -50.89 -34.43 14.19
CA SER B 416 -50.27 -33.26 13.55
C SER B 416 -51.22 -32.06 13.56
N PRO B 417 -50.83 -30.98 14.25
CA PRO B 417 -49.46 -30.54 14.52
C PRO B 417 -48.37 -31.63 14.49
N VAL B 418 -48.23 -32.33 15.61
CA VAL B 418 -46.95 -32.84 16.06
C VAL B 418 -46.29 -33.94 15.22
N GLU B 419 -47.08 -34.92 14.79
CA GLU B 419 -46.54 -36.25 14.50
C GLU B 419 -45.83 -36.41 13.15
N LEU B 420 -46.45 -35.92 12.08
CA LEU B 420 -45.82 -35.90 10.77
C LEU B 420 -44.51 -35.14 10.87
N PHE B 421 -44.46 -34.23 11.82
CA PHE B 421 -43.33 -33.38 12.04
C PHE B 421 -42.17 -34.18 12.62
N ARG B 422 -42.40 -34.83 13.78
CA ARG B 422 -41.36 -35.62 14.42
C ARG B 422 -40.81 -36.69 13.48
N HIS B 423 -41.71 -37.43 12.85
CA HIS B 423 -41.32 -38.54 11.99
C HIS B 423 -40.65 -38.07 10.68
N ASP B 424 -41.41 -37.36 9.85
CA ASP B 424 -41.04 -37.17 8.46
C ASP B 424 -40.68 -35.73 8.06
N PHE B 425 -41.16 -34.75 8.81
CA PHE B 425 -41.10 -33.35 8.40
C PHE B 425 -40.65 -32.43 9.57
N PRO B 426 -39.39 -32.57 10.02
CA PRO B 426 -38.87 -31.95 11.26
C PRO B 426 -38.78 -30.43 11.24
N VAL B 427 -38.71 -29.84 10.06
CA VAL B 427 -38.65 -28.39 9.93
C VAL B 427 -39.77 -27.74 10.73
N PHE B 428 -40.90 -28.44 10.80
CA PHE B 428 -42.11 -27.92 11.41
C PHE B 428 -42.17 -28.19 12.90
N LEU B 429 -41.58 -29.30 13.34
CA LEU B 429 -41.49 -29.62 14.75
C LEU B 429 -40.69 -28.54 15.47
N ALA B 430 -39.63 -28.07 14.80
CA ALA B 430 -38.83 -26.98 15.32
C ALA B 430 -39.61 -25.67 15.21
N ALA B 431 -40.30 -25.49 14.08
CA ALA B 431 -41.17 -24.35 13.88
C ALA B 431 -42.23 -24.26 14.99
N PHE B 432 -42.82 -25.41 15.34
CA PHE B 432 -43.85 -25.48 16.37
C PHE B 432 -43.38 -24.86 17.68
N ASN B 433 -42.31 -25.41 18.24
CA ASN B 433 -41.75 -24.95 19.51
C ASN B 433 -41.25 -23.51 19.48
N GLN B 434 -40.90 -23.03 18.28
CA GLN B 434 -40.57 -21.64 18.08
C GLN B 434 -41.70 -20.73 18.56
N GLN B 435 -42.93 -21.04 18.13
CA GLN B 435 -44.09 -20.25 18.51
C GLN B 435 -44.28 -20.24 20.02
N ALA B 436 -44.40 -21.43 20.60
CA ALA B 436 -44.59 -21.59 22.03
C ALA B 436 -43.56 -20.81 22.83
N THR B 437 -42.30 -20.91 22.39
CA THR B 437 -41.19 -20.23 23.06
C THR B 437 -41.28 -18.72 22.87
N GLN B 438 -41.40 -18.30 21.62
CA GLN B 438 -41.55 -16.90 21.26
C GLN B 438 -42.72 -16.29 22.03
N ARG B 439 -43.84 -17.00 22.04
CA ARG B 439 -45.05 -16.58 22.74
C ARG B 439 -44.74 -16.10 24.15
N ARG B 440 -44.23 -17.01 24.97
CA ARG B 440 -43.92 -16.71 26.36
C ARG B 440 -42.86 -15.63 26.48
N PHE B 441 -41.85 -15.70 25.62
CA PHE B 441 -40.79 -14.68 25.61
C PHE B 441 -41.37 -13.31 25.30
N GLY B 442 -42.24 -13.26 24.29
CA GLY B 442 -42.93 -12.02 23.92
C GLY B 442 -43.79 -11.48 25.04
N GLU B 443 -44.26 -12.36 25.91
CA GLU B 443 -45.08 -11.98 27.05
C GLU B 443 -44.25 -11.28 28.13
N LEU B 444 -42.95 -11.55 28.14
CA LEU B 444 -42.04 -10.87 29.04
C LEU B 444 -41.68 -9.49 28.51
N ILE B 445 -41.35 -9.42 27.21
CA ILE B 445 -41.14 -8.14 26.55
C ILE B 445 -42.33 -7.23 26.81
N ASP B 446 -43.54 -7.80 26.71
CA ASP B 446 -44.79 -7.10 26.96
C ASP B 446 -44.84 -6.42 28.33
N ILE B 447 -44.08 -6.95 29.28
CA ILE B 447 -43.98 -6.35 30.62
C ILE B 447 -42.87 -5.30 30.66
N HIS B 454 -46.00 3.93 25.29
CA HIS B 454 -46.20 2.59 24.73
C HIS B 454 -44.92 2.08 24.07
N GLY B 455 -44.29 2.93 23.25
CA GLY B 455 -43.02 2.60 22.60
C GLY B 455 -43.07 1.40 21.69
N GLU B 456 -43.27 1.65 20.39
CA GLU B 456 -43.36 0.59 19.38
C GLU B 456 -42.05 -0.17 19.20
N LEU B 457 -41.00 0.31 19.85
CA LEU B 457 -39.74 -0.44 19.96
C LEU B 457 -39.97 -1.77 20.67
N ASN B 458 -41.14 -1.91 21.29
CA ASN B 458 -41.62 -3.19 21.79
C ASN B 458 -41.70 -4.20 20.65
N GLN B 459 -42.19 -3.73 19.49
CA GLN B 459 -42.24 -4.54 18.28
C GLN B 459 -40.85 -4.69 17.64
N GLN B 460 -39.92 -3.81 18.02
CA GLN B 460 -38.54 -3.91 17.57
C GLN B 460 -37.81 -5.05 18.28
N PHE B 461 -38.02 -5.18 19.59
CA PHE B 461 -37.52 -6.33 20.34
C PHE B 461 -38.03 -7.61 19.69
N LEU B 462 -39.35 -7.69 19.54
CA LEU B 462 -40.00 -8.83 18.90
C LEU B 462 -39.51 -9.06 17.47
N ALA B 463 -38.93 -8.01 16.87
CA ALA B 463 -38.39 -8.13 15.52
C ALA B 463 -36.97 -8.69 15.56
N ALA B 464 -36.14 -8.11 16.43
CA ALA B 464 -34.74 -8.49 16.56
C ALA B 464 -34.56 -9.97 16.93
N THR B 465 -35.62 -10.57 17.46
CA THR B 465 -35.60 -11.98 17.86
C THR B 465 -35.64 -12.90 16.64
N ASN B 466 -35.18 -12.37 15.51
CA ASN B 466 -35.09 -13.16 14.29
C ASN B 466 -34.04 -12.65 13.33
N GLN B 467 -32.88 -13.29 13.34
CA GLN B 467 -31.89 -13.05 12.31
C GLN B 467 -30.58 -13.82 12.50
N LYS B 468 -29.87 -13.51 13.57
CA LYS B 468 -28.45 -13.18 13.47
C LYS B 468 -28.45 -11.80 12.85
N HIS B 469 -28.20 -10.78 13.66
CA HIS B 469 -27.94 -9.43 13.17
C HIS B 469 -29.19 -8.61 12.87
N SER B 470 -29.51 -7.69 13.77
CA SER B 470 -30.65 -6.79 13.60
C SER B 470 -30.35 -5.74 12.53
N THR B 471 -29.10 -5.27 12.50
CA THR B 471 -28.69 -4.15 11.65
C THR B 471 -29.45 -2.85 11.96
N VAL B 472 -30.12 -2.84 13.11
CA VAL B 472 -30.83 -1.64 13.58
C VAL B 472 -30.55 -1.42 15.08
N LYS B 473 -29.30 -1.06 15.38
CA LYS B 473 -28.88 -0.83 16.76
C LYS B 473 -29.45 0.49 17.27
N LEU B 474 -29.54 0.62 18.59
CA LEU B 474 -30.02 1.87 19.20
C LEU B 474 -29.11 2.34 20.34
N ILE B 475 -28.52 3.52 20.16
CA ILE B 475 -27.64 4.13 21.16
C ILE B 475 -27.45 5.64 20.90
N ASP B 476 -28.37 6.43 21.46
CA ASP B 476 -28.40 7.87 21.23
C ASP B 476 -29.33 8.57 22.23
N ASP B 477 -29.82 9.76 21.86
CA ASP B 477 -30.83 10.48 22.65
C ASP B 477 -32.09 9.62 22.82
N ALA B 478 -32.68 9.67 24.01
CA ALA B 478 -33.84 8.84 24.36
C ALA B 478 -33.53 7.34 24.33
N SER B 479 -32.33 6.98 23.89
CA SER B 479 -31.86 5.59 23.93
C SER B 479 -30.85 5.41 25.06
N VAL B 480 -30.46 6.53 25.67
CA VAL B 480 -29.66 6.53 26.90
C VAL B 480 -30.32 7.41 27.98
N SER B 481 -31.47 7.99 27.65
CA SER B 481 -32.26 8.81 28.58
C SER B 481 -33.68 8.27 28.79
N ARG B 482 -34.34 7.88 27.71
CA ARG B 482 -35.73 7.38 27.77
C ARG B 482 -35.85 5.85 27.73
N LEU B 483 -34.90 5.18 27.05
CA LEU B 483 -34.72 3.74 27.20
C LEU B 483 -34.01 3.45 28.51
N ALA B 484 -33.49 4.51 29.13
CA ALA B 484 -33.01 4.48 30.51
C ALA B 484 -34.17 4.81 31.47
N THR B 485 -35.34 5.14 30.91
CA THR B 485 -36.57 5.30 31.69
C THR B 485 -37.69 4.34 31.24
N ILE B 486 -37.31 3.25 30.57
CA ILE B 486 -38.19 2.11 30.36
C ILE B 486 -37.80 0.99 31.34
N PHE B 487 -36.51 0.64 31.33
CA PHE B 487 -35.90 -0.10 32.43
C PHE B 487 -35.75 0.81 33.64
N ASP B 488 -36.47 1.95 33.61
CA ASP B 488 -36.75 2.73 34.79
C ASP B 488 -37.13 1.77 35.91
N PRO B 489 -36.31 1.75 36.98
CA PRO B 489 -36.42 0.83 38.07
C PRO B 489 -37.81 0.21 38.25
N LEU B 490 -38.06 -0.89 37.55
CA LEU B 490 -39.02 -1.89 38.00
C LEU B 490 -38.24 -2.71 39.02
N LEU B 491 -37.11 -3.25 38.57
CA LEU B 491 -36.01 -3.60 39.46
C LEU B 491 -35.13 -2.36 39.60
N PRO B 492 -35.09 -1.77 40.81
CA PRO B 492 -34.49 -0.46 41.00
C PRO B 492 -32.98 -0.47 40.79
N GLU B 493 -32.23 -0.59 41.88
CA GLU B 493 -30.77 -0.53 41.84
C GLU B 493 -30.17 -1.53 42.80
N GLY B 494 -29.05 -2.13 42.39
CA GLY B 494 -28.40 -3.19 43.16
C GLY B 494 -28.77 -4.56 42.64
N LYS B 495 -29.98 -5.01 42.97
CA LYS B 495 -30.47 -6.32 42.55
C LYS B 495 -31.73 -6.22 41.69
N LEU B 496 -32.31 -7.38 41.35
CA LEU B 496 -33.48 -7.46 40.48
C LEU B 496 -34.75 -7.69 41.30
N SER B 497 -35.33 -6.60 41.79
CA SER B 497 -36.43 -6.68 42.74
C SER B 497 -37.55 -5.71 42.39
N PRO B 498 -38.63 -5.69 43.19
CA PRO B 498 -39.01 -6.75 44.13
C PRO B 498 -40.14 -7.66 43.63
N ALA B 499 -41.04 -7.11 42.82
CA ALA B 499 -42.27 -7.81 42.42
C ALA B 499 -42.26 -8.19 40.95
N HIS B 500 -41.79 -7.29 40.09
CA HIS B 500 -41.55 -7.60 38.68
C HIS B 500 -40.93 -8.99 38.54
N TYR B 501 -40.12 -9.37 39.52
CA TYR B 501 -39.56 -10.72 39.60
C TYR B 501 -40.65 -11.78 39.67
N GLN B 502 -41.70 -11.50 40.45
CA GLN B 502 -42.88 -12.36 40.49
C GLN B 502 -43.63 -12.31 39.16
N HIS B 503 -43.73 -11.12 38.58
CA HIS B 503 -44.35 -10.94 37.27
C HIS B 503 -43.58 -11.73 36.21
N ILE B 504 -42.26 -11.80 36.36
CA ILE B 504 -41.44 -12.75 35.62
C ILE B 504 -41.92 -14.16 35.95
N LEU B 505 -41.78 -14.53 37.23
CA LEU B 505 -42.08 -15.89 37.71
C LEU B 505 -43.38 -16.45 37.17
N SER B 506 -44.47 -15.68 37.30
CA SER B 506 -45.80 -16.15 36.92
C SER B 506 -45.98 -16.24 35.40
N ALA B 507 -45.16 -15.48 34.67
CA ALA B 507 -45.20 -15.50 33.21
C ALA B 507 -44.62 -16.81 32.67
N TYR B 508 -43.65 -17.37 33.39
CA TYR B 508 -43.04 -18.62 32.99
C TYR B 508 -43.57 -19.78 33.80
N HIS B 509 -44.60 -19.50 34.59
CA HIS B 509 -45.36 -20.52 35.33
C HIS B 509 -44.50 -21.41 36.18
N LEU B 510 -43.45 -20.84 36.77
CA LEU B 510 -42.51 -21.60 37.58
C LEU B 510 -42.46 -21.07 39.02
N THR B 511 -43.57 -20.48 39.43
CA THR B 511 -43.72 -19.95 40.78
C THR B 511 -43.64 -21.06 41.84
N ASP B 512 -44.36 -22.16 41.60
CA ASP B 512 -44.33 -23.31 42.50
C ASP B 512 -43.19 -24.29 42.13
N ALA B 513 -42.32 -23.87 41.22
CA ALA B 513 -41.21 -24.71 40.76
C ALA B 513 -39.94 -24.54 41.58
N THR B 514 -39.07 -25.56 41.51
CA THR B 514 -37.81 -25.61 42.26
C THR B 514 -37.00 -24.32 42.08
N PRO B 515 -36.17 -23.97 43.09
CA PRO B 515 -35.36 -22.75 43.01
C PRO B 515 -34.29 -22.86 41.92
N GLN B 516 -33.87 -24.09 41.62
CA GLN B 516 -32.89 -24.32 40.58
C GLN B 516 -33.47 -24.01 39.21
N LYS B 517 -34.55 -24.69 38.85
CA LYS B 517 -35.24 -24.45 37.59
C LYS B 517 -35.82 -23.04 37.57
N GLN B 518 -35.93 -22.43 38.74
CA GLN B 518 -36.24 -21.00 38.86
C GLN B 518 -35.04 -20.18 38.35
N ALA B 519 -33.87 -20.44 38.93
CA ALA B 519 -32.64 -19.73 38.57
C ALA B 519 -32.28 -19.94 37.12
N GLU B 520 -32.30 -21.19 36.68
CA GLU B 520 -31.86 -21.54 35.35
C GLU B 520 -32.60 -20.78 34.24
N THR B 521 -33.91 -20.63 34.38
CA THR B 521 -34.67 -19.82 33.43
C THR B 521 -34.24 -18.36 33.54
N LEU B 522 -34.08 -17.89 34.77
CA LEU B 522 -33.62 -16.54 35.01
C LEU B 522 -32.21 -16.31 34.42
N PHE B 523 -31.32 -17.29 34.64
CA PHE B 523 -30.00 -17.28 34.03
C PHE B 523 -30.10 -17.17 32.53
N CYS B 524 -31.03 -17.91 31.94
CA CYS B 524 -31.23 -17.86 30.50
C CYS B 524 -31.71 -16.50 30.04
N LEU B 525 -32.66 -15.93 30.78
CA LEU B 525 -33.19 -14.62 30.45
C LEU B 525 -32.09 -13.57 30.36
N SER B 526 -31.16 -13.63 31.31
CA SER B 526 -29.98 -12.77 31.28
C SER B 526 -29.19 -12.97 29.99
N THR B 527 -28.95 -14.23 29.61
CA THR B 527 -28.21 -14.52 28.38
C THR B 527 -28.99 -14.18 27.11
N ALA B 528 -30.32 -14.18 27.20
CA ALA B 528 -31.16 -13.66 26.10
C ALA B 528 -31.01 -12.13 26.02
N PHE B 529 -31.23 -11.46 27.15
CA PHE B 529 -30.81 -10.06 27.25
C PHE B 529 -29.26 -9.83 27.26
N ALA B 530 -28.46 -10.89 27.05
CA ALA B 530 -26.98 -10.75 26.94
C ALA B 530 -26.58 -10.36 25.53
N ARG B 531 -27.26 -10.93 24.54
CA ARG B 531 -27.49 -10.24 23.28
C ARG B 531 -28.27 -8.97 23.64
N TYR B 532 -29.10 -8.48 22.75
CA TYR B 532 -29.86 -7.25 23.02
C TYR B 532 -28.92 -6.13 23.44
N SER B 533 -27.64 -6.49 23.60
CA SER B 533 -26.54 -5.57 23.75
C SER B 533 -25.47 -5.99 22.75
N SER B 534 -25.40 -7.30 22.50
CA SER B 534 -24.53 -7.87 21.47
C SER B 534 -24.55 -6.98 20.23
N SER B 535 -23.38 -6.47 19.85
CA SER B 535 -23.23 -5.59 18.68
C SER B 535 -23.91 -6.18 17.44
N ALA B 536 -24.26 -7.46 17.54
CA ALA B 536 -24.91 -8.20 16.48
C ALA B 536 -26.39 -7.86 16.31
N ILE B 537 -27.02 -7.33 17.35
CA ILE B 537 -28.42 -6.92 17.25
C ILE B 537 -28.67 -5.51 17.80
N PHE B 538 -29.51 -5.39 18.83
CA PHE B 538 -29.67 -4.12 19.55
C PHE B 538 -28.30 -3.73 20.09
N GLY B 539 -27.39 -3.38 19.18
CA GLY B 539 -25.96 -3.51 19.46
C GLY B 539 -25.19 -2.27 19.80
N THR B 540 -24.48 -1.75 18.81
CA THR B 540 -23.40 -0.75 19.00
C THR B 540 -22.15 -1.39 19.59
N GLU B 541 -21.07 -1.35 18.84
CA GLU B 541 -19.83 -2.04 19.21
C GLU B 541 -18.90 -1.19 20.07
N HIS B 542 -19.19 0.12 20.15
CA HIS B 542 -18.44 1.05 21.01
C HIS B 542 -19.12 1.20 22.38
N ASP B 543 -20.45 1.14 22.38
CA ASP B 543 -21.24 1.09 23.61
C ASP B 543 -21.96 -0.27 23.66
N SER B 544 -23.24 -0.26 24.03
CA SER B 544 -24.11 -1.43 23.87
C SER B 544 -25.57 -1.16 24.27
N PRO B 545 -25.85 -1.11 25.57
CA PRO B 545 -27.18 -0.75 26.09
C PRO B 545 -27.38 0.74 26.45
N PRO B 546 -26.99 1.18 27.68
CA PRO B 546 -26.37 0.44 28.78
C PRO B 546 -27.36 -0.11 29.82
N ALA B 547 -28.66 0.09 29.62
CA ALA B 547 -29.68 -0.44 30.54
C ALA B 547 -29.98 -1.91 30.26
N LEU B 548 -29.80 -2.32 29.01
CA LEU B 548 -29.98 -3.72 28.61
C LEU B 548 -28.81 -4.62 29.10
N ARG B 549 -27.86 -4.02 29.81
CA ARG B 549 -26.79 -4.77 30.47
C ARG B 549 -26.94 -4.77 31.97
N GLY B 550 -27.26 -3.61 32.54
CA GLY B 550 -27.56 -3.50 33.96
C GLY B 550 -28.68 -4.45 34.31
N TYR B 551 -29.62 -4.60 33.36
CA TYR B 551 -30.70 -5.57 33.47
C TYR B 551 -30.17 -6.98 33.39
N ALA B 552 -29.58 -7.33 32.25
CA ALA B 552 -29.06 -8.68 32.04
C ALA B 552 -28.22 -9.15 33.22
N GLU B 553 -27.64 -8.20 33.95
CA GLU B 553 -26.75 -8.49 35.06
C GLU B 553 -27.53 -8.65 36.37
N ALA B 554 -28.74 -8.12 36.40
CA ALA B 554 -29.63 -8.27 37.55
C ALA B 554 -30.36 -9.60 37.48
N LEU B 555 -30.64 -10.04 36.26
CA LEU B 555 -31.22 -11.37 36.03
C LEU B 555 -30.18 -12.42 36.37
N GLN B 557 -27.89 -11.92 38.45
CA GLN B 557 -27.82 -11.81 39.91
C GLN B 557 -28.81 -12.75 40.62
N LYS B 558 -30.10 -12.50 40.45
CA LYS B 558 -31.15 -13.28 41.13
C LYS B 558 -30.94 -14.79 40.96
N ALA B 559 -30.48 -15.18 39.78
CA ALA B 559 -30.12 -16.58 39.50
C ALA B 559 -29.13 -17.10 40.52
N TRP B 560 -28.07 -16.32 40.76
CA TRP B 560 -27.04 -16.67 41.73
C TRP B 560 -27.66 -16.89 43.11
N GLU B 561 -28.43 -15.90 43.56
CA GLU B 561 -29.08 -15.94 44.88
C GLU B 561 -29.98 -17.16 45.11
N LEU B 562 -30.56 -17.67 44.04
CA LEU B 562 -31.44 -18.83 44.11
C LEU B 562 -30.67 -20.14 44.23
N SER B 563 -29.76 -20.38 43.29
CA SER B 563 -29.03 -21.64 43.23
C SER B 563 -27.63 -21.46 42.64
N PRO B 564 -26.66 -21.06 43.50
CA PRO B 564 -25.29 -20.76 43.03
C PRO B 564 -24.70 -21.91 42.22
N ALA B 565 -24.96 -23.15 42.67
CA ALA B 565 -24.39 -24.35 42.04
C ALA B 565 -24.58 -24.34 40.53
N ILE B 566 -25.62 -23.65 40.07
CA ILE B 566 -25.96 -23.53 38.64
C ILE B 566 -24.82 -22.97 37.80
N PHE B 567 -24.01 -22.12 38.44
CA PHE B 567 -22.83 -21.51 37.83
C PHE B 567 -21.63 -22.43 37.99
N PRO B 568 -20.55 -22.16 37.23
CA PRO B 568 -19.37 -23.02 37.30
C PRO B 568 -18.34 -22.59 38.36
N SER B 569 -18.39 -21.33 38.77
CA SER B 569 -17.40 -20.75 39.68
C SER B 569 -17.82 -19.36 40.09
N SER B 570 -17.66 -19.04 41.38
CA SER B 570 -17.86 -17.68 41.88
C SER B 570 -17.01 -16.69 41.08
N GLU B 571 -15.80 -17.12 40.70
CA GLU B 571 -14.89 -16.34 39.86
C GLU B 571 -15.51 -16.05 38.50
N GLN B 572 -16.01 -17.10 37.84
CA GLN B 572 -16.72 -16.94 36.56
C GLN B 572 -17.90 -15.98 36.68
N PHE B 573 -18.72 -16.18 37.71
CA PHE B 573 -19.84 -15.30 37.99
C PHE B 573 -19.41 -13.84 38.05
N THR B 574 -18.34 -13.56 38.78
CA THR B 574 -17.86 -12.20 38.93
C THR B 574 -17.14 -11.71 37.66
N GLU B 575 -16.51 -12.65 36.94
CA GLU B 575 -15.91 -12.32 35.66
C GLU B 575 -16.99 -11.74 34.73
N TRP B 576 -18.15 -12.40 34.67
CA TRP B 576 -19.30 -11.93 33.89
C TRP B 576 -19.94 -10.65 34.46
N SER B 577 -20.05 -10.58 35.78
CA SER B 577 -20.67 -9.43 36.43
C SER B 577 -19.80 -8.17 36.31
N ASP B 578 -18.49 -8.34 36.46
CA ASP B 578 -17.50 -7.26 36.22
C ASP B 578 -17.50 -6.84 34.76
N ARG B 579 -17.93 -7.73 33.88
CA ARG B 579 -17.87 -7.50 32.44
C ARG B 579 -19.13 -6.84 31.86
N PHE B 580 -20.30 -7.28 32.30
CA PHE B 580 -21.54 -6.54 32.03
C PHE B 580 -21.30 -5.10 32.42
N HIS B 581 -20.50 -4.93 33.47
CA HIS B 581 -20.15 -3.63 34.01
C HIS B 581 -19.08 -2.91 33.18
N GLY B 582 -18.29 -2.10 33.87
CA GLY B 582 -17.17 -1.41 33.27
C GLY B 582 -16.01 -2.35 33.02
N LEU B 583 -15.97 -2.91 31.81
CA LEU B 583 -14.75 -3.52 31.30
C LEU B 583 -13.99 -2.40 30.57
N HIS B 584 -13.88 -1.24 31.22
CA HIS B 584 -13.48 -0.01 30.55
C HIS B 584 -11.96 0.14 30.36
N GLY B 585 -11.60 0.92 29.33
CA GLY B 585 -10.57 0.52 28.39
C GLY B 585 -11.34 -0.42 27.48
N ALA B 586 -12.45 0.09 26.98
CA ALA B 586 -13.66 -0.70 26.76
C ALA B 586 -13.65 -1.62 25.56
N PHE B 587 -13.99 -1.07 24.40
CA PHE B 587 -14.84 -1.77 23.45
C PHE B 587 -15.62 -2.84 24.18
N THR B 588 -16.70 -2.41 24.83
CA THR B 588 -17.54 -3.28 25.65
C THR B 588 -18.38 -4.22 24.80
N CYS B 589 -17.76 -4.80 23.77
CA CYS B 589 -18.37 -5.88 23.00
C CYS B 589 -18.81 -6.98 23.95
N THR B 590 -20.07 -7.36 23.84
CA THR B 590 -20.67 -8.27 24.80
C THR B 590 -20.95 -9.63 24.16
N SER B 591 -20.67 -9.74 22.86
CA SER B 591 -20.78 -11.01 22.14
C SER B 591 -20.04 -12.10 22.89
N VAL B 592 -18.91 -11.73 23.49
CA VAL B 592 -18.09 -12.66 24.27
C VAL B 592 -18.80 -13.18 25.52
N VAL B 593 -19.37 -12.28 26.33
CA VAL B 593 -20.19 -12.69 27.47
C VAL B 593 -21.28 -13.60 26.94
N ALA B 594 -22.17 -13.00 26.15
CA ALA B 594 -23.24 -13.70 25.47
C ALA B 594 -22.88 -15.13 25.11
N ASP B 595 -21.91 -15.29 24.21
CA ASP B 595 -21.51 -16.61 23.71
C ASP B 595 -21.11 -17.58 24.82
N SER B 596 -20.40 -17.07 25.82
CA SER B 596 -19.99 -17.88 26.97
C SER B 596 -21.21 -18.37 27.77
N GLN B 598 -24.25 -18.51 26.92
CA GLN B 598 -24.98 -19.44 26.08
C GLN B 598 -24.35 -20.81 26.08
N ARG B 599 -23.02 -20.85 25.90
CA ARG B 599 -22.29 -22.11 25.79
C ARG B 599 -22.42 -22.93 27.07
N HIS B 600 -22.52 -22.24 28.20
CA HIS B 600 -22.69 -22.89 29.49
C HIS B 600 -24.08 -23.45 29.58
N ALA B 601 -25.06 -22.57 29.37
CA ALA B 601 -26.45 -22.95 29.43
C ALA B 601 -26.70 -24.14 28.54
N ARG B 602 -26.23 -24.08 27.30
CA ARG B 602 -26.39 -25.19 26.36
C ARG B 602 -25.66 -26.46 26.82
N LYS B 603 -24.65 -26.30 27.67
CA LYS B 603 -23.88 -27.43 28.18
C LYS B 603 -24.60 -28.21 29.26
N TYR B 604 -24.97 -27.53 30.35
CA TYR B 604 -25.48 -28.20 31.55
C TYR B 604 -27.01 -28.23 31.63
N PHE B 605 -27.64 -27.12 31.27
CA PHE B 605 -29.10 -27.08 31.24
C PHE B 605 -29.65 -26.59 29.90
N PRO B 606 -29.55 -27.43 28.85
CA PRO B 606 -29.95 -27.01 27.51
C PRO B 606 -31.47 -26.90 27.37
N SER B 607 -32.21 -27.91 27.83
CA SER B 607 -33.66 -27.94 27.69
C SER B 607 -34.31 -26.68 28.25
N VAL B 608 -33.69 -26.11 29.29
CA VAL B 608 -34.12 -24.85 29.86
C VAL B 608 -33.77 -23.71 28.90
N LEU B 609 -32.47 -23.58 28.62
CA LEU B 609 -31.98 -22.62 27.62
C LEU B 609 -32.73 -22.73 26.30
N SER B 610 -32.96 -23.96 25.86
CA SER B 610 -33.61 -24.25 24.58
C SER B 610 -35.10 -23.93 24.61
N SER B 611 -35.54 -23.24 25.66
CA SER B 611 -36.96 -22.94 25.81
C SER B 611 -37.19 -21.47 26.13
N ILE B 612 -36.13 -20.68 26.08
CA ILE B 612 -36.20 -19.25 26.34
C ILE B 612 -35.66 -18.47 25.15
N LEU B 613 -34.59 -19.01 24.54
CA LEU B 613 -33.92 -18.39 23.39
C LEU B 613 -34.66 -18.58 22.06
N PRO B 614 -34.87 -17.48 21.33
CA PRO B 614 -35.32 -17.48 19.91
C PRO B 614 -34.39 -18.31 19.00
N LEU B 615 -34.99 -19.10 18.10
CA LEU B 615 -34.25 -20.09 17.30
C LEU B 615 -33.19 -19.49 16.42
N ALA B 616 -33.43 -18.29 15.91
CA ALA B 616 -32.46 -17.62 15.01
C ALA B 616 -31.20 -17.22 15.73
N TRP B 617 -31.23 -17.29 17.06
CA TRP B 617 -30.01 -17.26 17.87
C TRP B 617 -29.75 -18.68 18.37
N ALA B 618 -28.61 -18.88 19.02
CA ALA B 618 -28.13 -20.22 19.35
C ALA B 618 -27.63 -20.93 18.09
#